data_5YEU
#
_entry.id   5YEU
#
_cell.length_a   79.259
_cell.length_b   93.453
_cell.length_c   123.190
_cell.angle_alpha   90.00
_cell.angle_beta   90.00
_cell.angle_gamma   90.00
#
_symmetry.space_group_name_H-M   'P 21 21 21'
#
loop_
_entity.id
_entity.type
_entity.pdbx_description
1 polymer 'Uncharacterized protein R354'
2 non-polymer 'MAGNESIUM ION'
3 water water
#
_entity_poly.entity_id   1
_entity_poly.type   'polypeptide(L)'
_entity_poly.pdbx_seq_one_letter_code
;ATYEDLISHKHDYPKEIYKESHYIRRNTRLDVIKKIPQFEQKSKEWLKQRTESLTATAISVVFDEDPYKHPIVILLDKCG
RGLPFVENKFVHHGNKYEQIGTMFYSFRNNVEVGEYGLLQHSGHKFIAASPDGICSKKANTGGLSKLVGRLLEIKFPFSR
EINNSGDLDGDICPHYYFLQVQTQLYVTEMDECDFLQCKIDEYDSWEDFVKDSNPIVPGLSKTTNLEKGCLIQLSDKNLI
GSDDKEKCLYNSKYIYPPKLHMTNEEIAAWISSEIANYHNNDLSENYMIDAVIYWRLSQVTCNLIKLNKEAFEEKIPLLQ
QFWDYVLFYRQHSDKLDKLIKFVEKVKEDNSAEIFSYINEDFLSLNKDSKYEPLYQEETEWRKKYNQIKAK
;
_entity_poly.pdbx_strand_id   A,B
#
# COMPACT_ATOMS: atom_id res chain seq x y z
N ALA A 1 29.42 -11.22 -31.44
CA ALA A 1 28.00 -11.39 -31.76
C ALA A 1 27.22 -10.10 -31.50
N THR A 2 26.43 -9.70 -32.48
CA THR A 2 25.55 -8.55 -32.31
C THR A 2 24.25 -8.99 -31.65
N TYR A 3 23.51 -8.00 -31.14
CA TYR A 3 22.23 -8.28 -30.49
C TYR A 3 21.22 -8.90 -31.44
N GLU A 4 21.37 -8.69 -32.75
CA GLU A 4 20.45 -9.22 -33.74
C GLU A 4 20.41 -10.74 -33.74
N ASP A 5 21.42 -11.41 -33.17
CA ASP A 5 21.39 -12.86 -33.09
C ASP A 5 20.32 -13.36 -32.13
N LEU A 6 19.86 -12.52 -31.21
CA LEU A 6 18.83 -12.88 -30.25
C LEU A 6 17.42 -12.75 -30.80
N ILE A 7 17.24 -12.05 -31.92
CA ILE A 7 15.92 -11.84 -32.50
C ILE A 7 15.48 -13.14 -33.18
N SER A 8 14.47 -13.80 -32.62
CA SER A 8 13.90 -14.97 -33.26
C SER A 8 12.97 -14.53 -34.38
N HIS A 9 13.19 -15.09 -35.58
CA HIS A 9 12.35 -14.82 -36.74
C HIS A 9 11.40 -15.96 -37.05
N LYS A 10 11.18 -16.86 -36.09
CA LYS A 10 10.30 -18.00 -36.32
C LYS A 10 8.87 -17.56 -36.62
N HIS A 11 8.47 -16.39 -36.15
CA HIS A 11 7.11 -15.90 -36.32
C HIS A 11 6.99 -14.85 -37.42
N ASP A 12 8.04 -14.69 -38.23
CA ASP A 12 7.96 -13.77 -39.35
C ASP A 12 7.09 -14.35 -40.46
N TYR A 13 6.11 -13.57 -40.89
CA TYR A 13 5.19 -14.01 -41.94
C TYR A 13 5.76 -13.65 -43.31
N PRO A 14 5.82 -14.59 -44.25
CA PRO A 14 6.54 -14.31 -45.51
C PRO A 14 5.77 -13.46 -46.51
N LYS A 15 4.44 -13.44 -46.43
CA LYS A 15 3.62 -12.77 -47.43
C LYS A 15 3.24 -11.37 -46.96
N GLU A 16 2.56 -10.63 -47.86
CA GLU A 16 2.11 -9.28 -47.57
C GLU A 16 0.70 -9.23 -47.02
N ILE A 17 -0.18 -10.12 -47.46
CA ILE A 17 -1.53 -10.21 -46.95
C ILE A 17 -1.71 -11.57 -46.29
N TYR A 18 -2.54 -11.61 -45.25
CA TYR A 18 -2.81 -12.84 -44.54
C TYR A 18 -3.67 -13.78 -45.39
N LYS A 19 -3.18 -14.99 -45.63
CA LYS A 19 -3.91 -15.99 -46.39
C LYS A 19 -4.73 -16.89 -45.47
N GLU A 20 -4.12 -17.41 -44.41
CA GLU A 20 -4.78 -18.35 -43.53
C GLU A 20 -5.92 -17.68 -42.77
N SER A 21 -6.96 -18.48 -42.48
CA SER A 21 -8.20 -17.93 -41.94
C SER A 21 -8.03 -17.39 -40.53
N HIS A 22 -7.28 -18.11 -39.68
CA HIS A 22 -7.19 -17.70 -38.28
C HIS A 22 -6.43 -16.39 -38.14
N TYR A 23 -5.33 -16.22 -38.90
CA TYR A 23 -4.63 -14.95 -38.89
C TYR A 23 -5.53 -13.80 -39.33
N ILE A 24 -6.36 -14.03 -40.35
CA ILE A 24 -7.27 -12.99 -40.84
C ILE A 24 -8.27 -12.62 -39.74
N ARG A 25 -8.86 -13.62 -39.09
CA ARG A 25 -9.84 -13.35 -38.06
C ARG A 25 -9.22 -12.61 -36.87
N ARG A 26 -7.99 -13.00 -36.48
CA ARG A 26 -7.34 -12.34 -35.36
C ARG A 26 -6.98 -10.90 -35.70
N ASN A 27 -6.43 -10.66 -36.90
CA ASN A 27 -6.10 -9.29 -37.30
C ASN A 27 -7.35 -8.42 -37.39
N THR A 28 -8.43 -8.95 -37.98
CA THR A 28 -9.67 -8.20 -38.07
C THR A 28 -10.20 -7.86 -36.69
N ARG A 29 -10.13 -8.81 -35.76
CA ARG A 29 -10.57 -8.55 -34.39
C ARG A 29 -9.71 -7.47 -33.74
N LEU A 30 -8.41 -7.48 -34.00
CA LEU A 30 -7.55 -6.42 -33.48
C LEU A 30 -7.94 -5.05 -34.02
N ASP A 31 -8.22 -4.98 -35.33
CA ASP A 31 -8.67 -3.71 -35.91
C ASP A 31 -10.00 -3.26 -35.33
N VAL A 32 -10.89 -4.19 -34.98
CA VAL A 32 -12.12 -3.82 -34.31
C VAL A 32 -11.82 -3.27 -32.92
N ILE A 33 -10.86 -3.88 -32.21
CA ILE A 33 -10.53 -3.46 -30.85
C ILE A 33 -9.93 -2.05 -30.88
N LYS A 34 -9.13 -1.75 -31.89
CA LYS A 34 -8.50 -0.43 -31.97
C LYS A 34 -9.52 0.70 -32.06
N LYS A 35 -10.69 0.43 -32.65
CA LYS A 35 -11.70 1.47 -32.80
C LYS A 35 -12.46 1.76 -31.50
N ILE A 36 -12.46 0.83 -30.55
CA ILE A 36 -13.10 1.07 -29.25
C ILE A 36 -12.20 1.98 -28.43
N PRO A 37 -12.68 3.12 -27.95
CA PRO A 37 -11.79 4.06 -27.25
C PRO A 37 -11.41 3.55 -25.87
N GLN A 38 -10.13 3.70 -25.55
CA GLN A 38 -9.61 3.44 -24.22
C GLN A 38 -9.36 4.77 -23.50
N PHE A 39 -9.33 4.71 -22.18
CA PHE A 39 -9.13 5.89 -21.35
C PHE A 39 -7.71 5.92 -20.78
N GLU A 40 -7.38 7.06 -20.19
CA GLU A 40 -6.13 7.21 -19.46
C GLU A 40 -6.18 6.32 -18.23
N GLN A 41 -5.39 5.24 -18.26
CA GLN A 41 -5.39 4.23 -17.21
C GLN A 41 -5.13 4.83 -15.83
N LYS A 42 -5.63 4.16 -14.78
CA LYS A 42 -5.35 4.49 -13.39
C LYS A 42 -6.03 5.78 -12.94
N SER A 43 -6.71 6.48 -13.84
CA SER A 43 -7.28 7.78 -13.52
C SER A 43 -8.74 7.88 -13.93
N LYS A 44 -9.60 8.20 -12.96
CA LYS A 44 -11.04 8.44 -13.07
C LYS A 44 -11.77 7.56 -14.07
N GLU A 45 -11.92 8.04 -15.32
CA GLU A 45 -12.81 7.39 -16.28
C GLU A 45 -12.56 5.89 -16.37
N TRP A 46 -11.30 5.49 -16.26
CA TRP A 46 -10.97 4.06 -16.19
C TRP A 46 -11.55 3.44 -14.93
N LEU A 47 -11.29 4.05 -13.77
CA LEU A 47 -11.81 3.55 -12.51
C LEU A 47 -13.34 3.52 -12.50
N LYS A 48 -13.98 4.42 -13.26
CA LYS A 48 -15.43 4.35 -13.40
C LYS A 48 -15.85 3.23 -14.33
N GLN A 49 -15.03 2.91 -15.35
CA GLN A 49 -15.32 1.76 -16.19
C GLN A 49 -15.23 0.46 -15.41
N ARG A 50 -14.32 0.37 -14.44
CA ARG A 50 -14.15 -0.89 -13.73
C ARG A 50 -15.34 -1.24 -12.84
N THR A 51 -16.04 -0.23 -12.32
CA THR A 51 -17.14 -0.50 -11.40
C THR A 51 -18.36 -1.09 -12.09
N GLU A 52 -18.45 -0.99 -13.41
CA GLU A 52 -19.59 -1.46 -14.16
C GLU A 52 -19.43 -2.90 -14.67
N SER A 53 -18.36 -3.59 -14.28
CA SER A 53 -18.08 -4.91 -14.79
C SER A 53 -17.26 -5.68 -13.77
N LEU A 54 -17.18 -7.00 -13.96
CA LEU A 54 -16.27 -7.83 -13.19
C LEU A 54 -14.97 -7.93 -13.99
N THR A 55 -13.90 -7.35 -13.44
CA THR A 55 -12.61 -7.40 -14.09
C THR A 55 -12.04 -8.82 -14.04
N ALA A 56 -11.06 -9.08 -14.92
CA ALA A 56 -10.50 -10.41 -15.04
C ALA A 56 -9.83 -10.86 -13.75
N THR A 57 -9.25 -9.94 -12.99
CA THR A 57 -8.63 -10.30 -11.72
C THR A 57 -9.65 -10.70 -10.66
N ALA A 58 -10.91 -10.35 -10.86
CA ALA A 58 -11.97 -10.71 -9.91
C ALA A 58 -12.58 -12.08 -10.17
N ILE A 59 -12.44 -12.62 -11.38
CA ILE A 59 -13.14 -13.85 -11.75
C ILE A 59 -12.67 -15.02 -10.90
N SER A 60 -11.36 -15.10 -10.63
CA SER A 60 -10.86 -16.17 -9.78
C SER A 60 -11.47 -16.10 -8.39
N VAL A 61 -11.69 -14.88 -7.88
CA VAL A 61 -12.29 -14.73 -6.55
C VAL A 61 -13.76 -15.13 -6.60
N VAL A 62 -14.48 -14.69 -7.62
CA VAL A 62 -15.91 -14.99 -7.71
C VAL A 62 -16.13 -16.48 -7.90
N PHE A 63 -15.24 -17.16 -8.63
CA PHE A 63 -15.33 -18.60 -8.81
C PHE A 63 -15.11 -19.39 -7.52
N ASP A 64 -14.81 -18.72 -6.41
CA ASP A 64 -14.39 -19.38 -5.17
C ASP A 64 -13.16 -20.24 -5.42
N GLU A 65 -12.27 -19.75 -6.28
CA GLU A 65 -11.07 -20.47 -6.68
C GLU A 65 -9.82 -19.61 -6.55
N ASP A 66 -9.85 -18.62 -5.64
CA ASP A 66 -8.71 -17.76 -5.37
C ASP A 66 -8.19 -18.00 -3.95
N PRO A 67 -6.88 -18.12 -3.78
CA PRO A 67 -6.31 -18.48 -2.47
C PRO A 67 -6.10 -17.32 -1.51
N TYR A 68 -6.52 -16.10 -1.86
CA TYR A 68 -6.22 -14.96 -1.01
C TYR A 68 -7.47 -14.14 -0.71
N LYS A 69 -8.41 -14.09 -1.64
CA LYS A 69 -9.65 -13.35 -1.47
C LYS A 69 -10.84 -14.28 -1.64
N HIS A 70 -11.92 -13.94 -0.95
CA HIS A 70 -13.17 -14.69 -1.03
C HIS A 70 -14.24 -13.83 -1.71
N PRO A 71 -15.25 -14.46 -2.34
CA PRO A 71 -16.19 -13.70 -3.19
C PRO A 71 -16.82 -12.48 -2.53
N ILE A 72 -16.99 -12.50 -1.22
CA ILE A 72 -17.68 -11.41 -0.53
C ILE A 72 -16.93 -10.10 -0.68
N VAL A 73 -15.60 -10.15 -0.77
CA VAL A 73 -14.84 -8.91 -0.93
C VAL A 73 -15.06 -8.31 -2.31
N ILE A 74 -15.28 -9.17 -3.32
CA ILE A 74 -15.61 -8.66 -4.65
C ILE A 74 -17.00 -8.07 -4.66
N LEU A 75 -17.96 -8.72 -3.99
CA LEU A 75 -19.30 -8.14 -3.92
C LEU A 75 -19.27 -6.78 -3.23
N LEU A 76 -18.56 -6.68 -2.10
CA LEU A 76 -18.55 -5.42 -1.36
C LEU A 76 -17.77 -4.33 -2.07
N ASP A 77 -16.70 -4.69 -2.79
CA ASP A 77 -15.92 -3.69 -3.52
C ASP A 77 -16.76 -3.00 -4.58
N LYS A 78 -17.50 -3.78 -5.37
CA LYS A 78 -18.32 -3.22 -6.44
C LYS A 78 -19.50 -2.40 -5.92
N CYS A 79 -19.76 -2.43 -4.62
CA CYS A 79 -20.79 -1.59 -4.01
C CYS A 79 -20.20 -0.47 -3.16
N GLY A 80 -18.90 -0.23 -3.26
CA GLY A 80 -18.25 0.88 -2.58
C GLY A 80 -18.12 0.73 -1.08
N ARG A 81 -17.76 -0.45 -0.59
CA ARG A 81 -17.61 -0.70 0.83
C ARG A 81 -16.30 -1.45 1.08
N GLY A 82 -15.99 -1.64 2.36
CA GLY A 82 -14.82 -2.38 2.78
C GLY A 82 -15.08 -3.09 4.09
N LEU A 83 -14.05 -3.76 4.60
CA LEU A 83 -14.12 -4.49 5.86
C LEU A 83 -15.23 -5.54 5.80
N HIS A 93 9.36 -3.65 -8.11
CA HIS A 93 9.43 -4.80 -9.00
C HIS A 93 8.03 -5.29 -9.33
N GLY A 94 7.21 -4.41 -9.90
CA GLY A 94 5.86 -4.76 -10.27
C GLY A 94 5.40 -4.14 -11.58
N ASN A 95 4.26 -3.43 -11.53
CA ASN A 95 3.73 -2.78 -12.72
C ASN A 95 4.74 -1.82 -13.34
N LYS A 96 5.62 -1.26 -12.52
CA LYS A 96 6.62 -0.31 -13.01
C LYS A 96 7.50 -0.93 -14.09
N TYR A 97 7.72 -2.24 -14.03
CA TYR A 97 8.53 -2.93 -15.03
C TYR A 97 7.72 -3.64 -16.08
N GLU A 98 6.38 -3.53 -16.05
CA GLU A 98 5.56 -4.19 -17.05
C GLU A 98 6.00 -3.80 -18.45
N GLN A 99 6.16 -2.49 -18.69
CA GLN A 99 6.58 -2.03 -20.00
C GLN A 99 7.94 -2.61 -20.37
N ILE A 100 8.85 -2.69 -19.39
CA ILE A 100 10.14 -3.31 -19.64
C ILE A 100 9.94 -4.74 -20.14
N GLY A 101 9.10 -5.49 -19.44
CA GLY A 101 8.78 -6.83 -19.91
C GLY A 101 8.26 -6.82 -21.33
N THR A 102 7.36 -5.90 -21.63
CA THR A 102 6.84 -5.76 -22.99
C THR A 102 7.99 -5.59 -23.97
N MET A 103 8.92 -4.68 -23.66
CA MET A 103 10.02 -4.42 -24.58
C MET A 103 10.89 -5.64 -24.74
N PHE A 104 11.01 -6.47 -23.70
CA PHE A 104 11.72 -7.73 -23.87
C PHE A 104 10.98 -8.64 -24.84
N TYR A 105 9.67 -8.83 -24.62
CA TYR A 105 8.90 -9.73 -25.47
C TYR A 105 8.88 -9.24 -26.90
N SER A 106 8.71 -7.93 -27.09
CA SER A 106 8.74 -7.35 -28.43
C SER A 106 10.09 -7.58 -29.10
N PHE A 107 11.18 -7.56 -28.33
CA PHE A 107 12.50 -7.68 -28.93
C PHE A 107 12.79 -9.11 -29.38
N ARG A 108 12.79 -10.04 -28.43
CA ARG A 108 13.19 -11.42 -28.73
C ARG A 108 12.24 -12.13 -29.67
N ASN A 109 10.98 -11.68 -29.78
CA ASN A 109 10.01 -12.32 -30.64
C ASN A 109 9.70 -11.53 -31.90
N ASN A 110 10.28 -10.34 -32.07
CA ASN A 110 10.23 -9.59 -33.33
C ASN A 110 8.78 -9.26 -33.71
N VAL A 111 8.04 -8.70 -32.76
CA VAL A 111 6.66 -8.29 -32.99
C VAL A 111 6.37 -7.02 -32.19
N GLU A 112 5.54 -6.15 -32.75
CA GLU A 112 5.12 -4.93 -32.08
C GLU A 112 3.98 -5.24 -31.13
N VAL A 113 4.08 -4.75 -29.89
CA VAL A 113 3.08 -5.01 -28.86
C VAL A 113 2.43 -3.69 -28.47
N GLY A 114 1.10 -3.67 -28.48
CA GLY A 114 0.32 -2.49 -28.13
C GLY A 114 -0.53 -2.70 -26.89
N GLU A 115 -0.76 -1.62 -26.15
CA GLU A 115 -1.66 -1.63 -25.00
C GLU A 115 -3.01 -1.06 -25.42
N TYR A 116 -4.09 -1.65 -24.89
CA TYR A 116 -5.43 -1.28 -25.32
C TYR A 116 -6.41 -0.99 -24.18
N GLY A 117 -5.96 -0.99 -22.94
CA GLY A 117 -6.86 -0.67 -21.84
C GLY A 117 -7.99 -1.67 -21.63
N LEU A 118 -9.00 -1.22 -20.88
CA LEU A 118 -10.14 -2.06 -20.53
C LEU A 118 -11.03 -2.29 -21.74
N LEU A 119 -11.41 -3.55 -21.93
CA LEU A 119 -12.35 -3.97 -22.97
C LEU A 119 -13.49 -4.75 -22.32
N GLN A 120 -14.72 -4.44 -22.68
CA GLN A 120 -15.88 -5.17 -22.20
C GLN A 120 -16.31 -6.22 -23.23
N HIS A 121 -16.77 -7.36 -22.73
CA HIS A 121 -17.24 -8.42 -23.61
C HIS A 121 -18.49 -7.98 -24.36
N SER A 122 -18.63 -8.47 -25.60
CA SER A 122 -19.71 -8.02 -26.46
C SER A 122 -21.07 -8.47 -25.93
N GLY A 123 -21.22 -9.77 -25.65
CA GLY A 123 -22.49 -10.29 -25.18
C GLY A 123 -22.79 -9.97 -23.74
N HIS A 124 -21.85 -10.29 -22.86
CA HIS A 124 -21.98 -10.04 -21.42
C HIS A 124 -21.12 -8.83 -21.07
N LYS A 125 -21.75 -7.67 -20.97
CA LYS A 125 -21.02 -6.42 -20.75
C LYS A 125 -20.51 -6.27 -19.33
N PHE A 126 -20.97 -7.09 -18.38
CA PHE A 126 -20.45 -7.09 -17.03
C PHE A 126 -19.17 -7.89 -16.87
N ILE A 127 -18.67 -8.50 -17.94
CA ILE A 127 -17.40 -9.21 -17.95
C ILE A 127 -16.43 -8.39 -18.77
N ALA A 128 -15.38 -7.86 -18.14
CA ALA A 128 -14.39 -7.05 -18.81
C ALA A 128 -12.99 -7.52 -18.47
N ALA A 129 -12.03 -7.12 -19.31
CA ALA A 129 -10.64 -7.49 -19.10
C ALA A 129 -9.73 -6.41 -19.68
N SER A 130 -8.51 -6.35 -19.16
CA SER A 130 -7.50 -5.40 -19.62
C SER A 130 -6.16 -6.13 -19.78
N PRO A 131 -5.82 -6.54 -21.00
CA PRO A 131 -4.55 -7.26 -21.20
C PRO A 131 -3.36 -6.33 -21.08
N ASP A 132 -2.25 -6.88 -20.59
CA ASP A 132 -1.01 -6.11 -20.50
C ASP A 132 -0.43 -5.76 -21.86
N GLY A 133 -0.99 -6.32 -22.94
CA GLY A 133 -0.53 -6.04 -24.29
C GLY A 133 -1.03 -7.06 -25.29
N ILE A 134 -1.21 -6.65 -26.55
CA ILE A 134 -1.58 -7.55 -27.63
C ILE A 134 -0.64 -7.31 -28.79
N CYS A 135 -0.14 -8.39 -29.38
CA CYS A 135 0.77 -8.28 -30.51
C CYS A 135 -0.01 -7.83 -31.75
N SER A 136 0.54 -6.86 -32.47
CA SER A 136 -0.06 -6.41 -33.72
C SER A 136 0.40 -7.29 -34.87
N LYS A 137 -0.04 -6.94 -36.09
CA LYS A 137 0.39 -7.69 -37.26
C LYS A 137 1.81 -7.33 -37.68
N LYS A 138 2.31 -6.18 -37.27
CA LYS A 138 3.58 -5.66 -37.75
C LYS A 138 4.75 -6.34 -37.04
N ALA A 139 5.65 -6.94 -37.82
CA ALA A 139 6.90 -7.41 -37.28
C ALA A 139 7.88 -6.25 -37.14
N ASN A 140 8.89 -6.45 -36.30
CA ASN A 140 9.84 -5.37 -36.03
C ASN A 140 10.75 -5.12 -37.22
N THR A 141 11.26 -6.19 -37.85
CA THR A 141 12.13 -6.04 -39.00
C THR A 141 11.38 -5.85 -40.31
N GLY A 142 10.07 -5.65 -40.25
CA GLY A 142 9.27 -5.42 -41.43
C GLY A 142 8.42 -6.63 -41.77
N GLY A 143 7.28 -6.37 -42.39
CA GLY A 143 6.37 -7.42 -42.77
C GLY A 143 5.38 -7.78 -41.68
N LEU A 144 4.66 -8.87 -41.92
CA LEU A 144 3.68 -9.35 -40.96
C LEU A 144 4.29 -10.39 -40.03
N SER A 145 3.56 -10.66 -38.95
CA SER A 145 3.99 -11.62 -37.93
C SER A 145 2.87 -12.62 -37.67
N LYS A 146 3.27 -13.85 -37.32
CA LYS A 146 2.31 -14.88 -36.96
C LYS A 146 1.73 -14.66 -35.58
N LEU A 147 2.35 -13.81 -34.77
CA LEU A 147 1.90 -13.54 -33.41
C LEU A 147 0.75 -12.54 -33.34
N VAL A 148 0.14 -12.20 -34.47
CA VAL A 148 -0.92 -11.18 -34.48
C VAL A 148 -2.07 -11.65 -33.62
N GLY A 149 -2.50 -10.78 -32.69
CA GLY A 149 -3.59 -11.09 -31.80
C GLY A 149 -3.23 -11.87 -30.56
N ARG A 150 -1.96 -12.27 -30.40
CA ARG A 150 -1.57 -13.03 -29.23
C ARG A 150 -1.48 -12.08 -28.03
N LEU A 151 -2.23 -12.39 -26.98
CA LEU A 151 -2.22 -11.56 -25.79
C LEU A 151 -0.90 -11.70 -25.04
N LEU A 152 -0.63 -10.72 -24.18
CA LEU A 152 0.55 -10.72 -23.33
C LEU A 152 0.11 -10.47 -21.90
N GLU A 153 0.57 -11.32 -20.98
CA GLU A 153 0.34 -11.10 -19.55
C GLU A 153 1.64 -11.24 -18.80
N ILE A 154 2.08 -10.17 -18.14
CA ILE A 154 3.40 -10.09 -17.54
C ILE A 154 3.24 -10.03 -16.03
N LYS A 155 3.92 -10.92 -15.33
CA LYS A 155 3.90 -11.00 -13.88
C LYS A 155 5.33 -10.84 -13.35
N PHE A 156 5.44 -10.21 -12.17
CA PHE A 156 6.73 -9.94 -11.54
C PHE A 156 6.73 -10.46 -10.11
N PRO A 157 6.86 -11.76 -9.90
CA PRO A 157 6.99 -12.28 -8.54
C PRO A 157 8.31 -11.89 -7.92
N PHE A 158 8.29 -11.67 -6.61
CA PHE A 158 9.52 -11.40 -5.85
C PHE A 158 9.92 -12.53 -4.93
N SER A 159 8.98 -13.13 -4.21
CA SER A 159 9.25 -14.26 -3.35
C SER A 159 8.81 -15.59 -3.94
N ARG A 160 7.81 -15.57 -4.81
CA ARG A 160 7.29 -16.79 -5.41
C ARG A 160 8.33 -17.44 -6.30
N GLU A 161 8.45 -18.76 -6.20
CA GLU A 161 9.30 -19.51 -7.11
C GLU A 161 8.56 -19.78 -8.41
N ILE A 162 9.26 -19.58 -9.52
CA ILE A 162 8.70 -19.84 -10.84
C ILE A 162 8.99 -21.29 -11.19
N ASN A 163 7.93 -22.05 -11.46
CA ASN A 163 8.07 -23.45 -11.81
C ASN A 163 8.11 -23.64 -13.32
N ASN A 164 8.89 -24.63 -13.76
CA ASN A 164 9.01 -24.93 -15.16
C ASN A 164 8.37 -26.24 -15.55
N SER A 165 8.11 -27.12 -14.58
CA SER A 165 7.42 -28.38 -14.79
C SER A 165 6.07 -28.35 -14.09
N GLY A 166 5.35 -29.45 -14.20
CA GLY A 166 4.05 -29.59 -13.56
C GLY A 166 2.92 -29.06 -14.42
N ASP A 167 1.74 -29.01 -13.80
CA ASP A 167 0.54 -28.57 -14.50
C ASP A 167 0.68 -27.13 -14.96
N LEU A 168 0.13 -26.84 -16.14
CA LEU A 168 0.05 -25.47 -16.61
C LEU A 168 -1.02 -24.69 -15.84
N ASP A 169 -2.14 -25.34 -15.53
CA ASP A 169 -3.22 -24.65 -14.83
C ASP A 169 -2.87 -24.42 -13.36
N GLY A 170 -2.09 -25.31 -12.76
CA GLY A 170 -1.81 -25.19 -11.34
C GLY A 170 -0.39 -24.81 -10.97
N ASP A 171 0.60 -25.42 -11.61
CA ASP A 171 1.99 -25.32 -11.19
C ASP A 171 2.76 -24.24 -11.94
N ILE A 172 2.80 -24.31 -13.27
CA ILE A 172 3.52 -23.32 -14.06
C ILE A 172 2.85 -21.97 -13.95
N CYS A 173 1.53 -21.92 -14.20
CA CYS A 173 0.74 -20.71 -14.03
C CYS A 173 -0.17 -20.90 -12.84
N PRO A 174 -0.05 -20.10 -11.78
CA PRO A 174 -0.99 -20.22 -10.66
C PRO A 174 -2.43 -20.11 -11.15
N HIS A 175 -3.32 -20.87 -10.52
CA HIS A 175 -4.67 -21.06 -11.06
C HIS A 175 -5.39 -19.73 -11.21
N TYR A 176 -5.27 -18.84 -10.22
CA TYR A 176 -5.95 -17.54 -10.32
C TYR A 176 -5.43 -16.73 -11.50
N TYR A 177 -4.11 -16.79 -11.76
CA TYR A 177 -3.57 -16.14 -12.95
C TYR A 177 -4.10 -16.80 -14.22
N PHE A 178 -4.26 -18.13 -14.19
CA PHE A 178 -4.80 -18.83 -15.35
C PHE A 178 -6.22 -18.39 -15.65
N LEU A 179 -7.03 -18.19 -14.62
CA LEU A 179 -8.39 -17.69 -14.82
C LEU A 179 -8.38 -16.25 -15.31
N GLN A 180 -7.44 -15.44 -14.84
CA GLN A 180 -7.31 -14.09 -15.37
C GLN A 180 -7.02 -14.11 -16.87
N VAL A 181 -6.07 -14.96 -17.28
CA VAL A 181 -5.73 -15.07 -18.70
C VAL A 181 -6.93 -15.59 -19.49
N GLN A 182 -7.67 -16.55 -18.92
CA GLN A 182 -8.85 -17.08 -19.60
C GLN A 182 -9.89 -15.99 -19.83
N THR A 183 -10.13 -15.15 -18.82
CA THR A 183 -11.09 -14.07 -18.98
C THR A 183 -10.61 -13.05 -20.01
N GLN A 184 -9.31 -12.77 -20.04
CA GLN A 184 -8.77 -11.85 -21.04
C GLN A 184 -8.95 -12.39 -22.46
N LEU A 185 -8.68 -13.69 -22.66
CA LEU A 185 -8.88 -14.30 -23.97
C LEU A 185 -10.35 -14.36 -24.35
N TYR A 186 -11.25 -14.57 -23.38
CA TYR A 186 -12.67 -14.59 -23.68
C TYR A 186 -13.19 -13.22 -24.07
N VAL A 187 -12.78 -12.17 -23.33
CA VAL A 187 -13.26 -10.83 -23.63
C VAL A 187 -12.70 -10.35 -24.96
N THR A 188 -11.37 -10.44 -25.14
CA THR A 188 -10.77 -9.95 -26.37
C THR A 188 -11.05 -10.85 -27.57
N GLU A 189 -11.72 -11.99 -27.37
CA GLU A 189 -12.09 -12.89 -28.46
C GLU A 189 -10.87 -13.33 -29.26
N MET A 190 -9.75 -13.53 -28.57
CA MET A 190 -8.53 -14.03 -29.18
C MET A 190 -8.34 -15.49 -28.75
N ASP A 191 -7.28 -16.10 -29.26
CA ASP A 191 -7.06 -17.53 -29.06
C ASP A 191 -5.87 -17.86 -28.18
N GLU A 192 -4.80 -17.06 -28.22
CA GLU A 192 -3.57 -17.39 -27.51
C GLU A 192 -3.11 -16.21 -26.66
N CYS A 193 -2.43 -16.54 -25.56
CA CYS A 193 -1.81 -15.55 -24.70
C CYS A 193 -0.49 -16.09 -24.19
N ASP A 194 0.55 -15.26 -24.25
CA ASP A 194 1.84 -15.62 -23.69
C ASP A 194 1.91 -15.11 -22.25
N PHE A 195 2.17 -16.02 -21.33
CA PHE A 195 2.31 -15.74 -19.92
C PHE A 195 3.79 -15.57 -19.61
N LEU A 196 4.21 -14.33 -19.38
CA LEU A 196 5.59 -13.97 -19.14
C LEU A 196 5.79 -13.68 -17.65
N GLN A 197 6.77 -14.34 -17.05
CA GLN A 197 7.11 -14.15 -15.64
C GLN A 197 8.56 -13.70 -15.54
N CYS A 198 8.79 -12.55 -14.89
CA CYS A 198 10.09 -11.91 -14.89
C CYS A 198 10.52 -11.57 -13.47
N LYS A 199 11.81 -11.79 -13.19
CA LYS A 199 12.46 -11.35 -11.96
C LYS A 199 13.50 -10.30 -12.31
N ILE A 200 13.43 -9.15 -11.63
CA ILE A 200 14.31 -8.01 -11.91
C ILE A 200 14.97 -7.56 -10.62
N ASP A 201 16.29 -7.43 -10.63
CA ASP A 201 17.03 -6.76 -9.57
C ASP A 201 17.64 -5.47 -10.11
N GLU A 202 17.79 -4.50 -9.22
CA GLU A 202 18.26 -3.17 -9.58
C GLU A 202 19.71 -2.98 -9.14
N TYR A 203 20.49 -2.31 -9.98
CA TYR A 203 21.90 -2.07 -9.68
C TYR A 203 22.05 -1.00 -8.61
N ASP A 204 23.12 -1.12 -7.83
CA ASP A 204 23.43 -0.11 -6.81
C ASP A 204 23.87 1.19 -7.46
N SER A 205 24.76 1.11 -8.45
CA SER A 205 25.36 2.29 -9.04
C SER A 205 25.48 2.11 -10.55
N TRP A 206 25.62 3.25 -11.24
CA TRP A 206 25.94 3.22 -12.67
C TRP A 206 27.26 2.49 -12.93
N GLU A 207 28.21 2.61 -12.01
CA GLU A 207 29.47 1.89 -12.13
C GLU A 207 29.23 0.38 -12.19
N ASP A 208 28.41 -0.14 -11.29
CA ASP A 208 28.08 -1.56 -11.32
C ASP A 208 27.35 -1.92 -12.61
N PHE A 209 26.57 -0.99 -13.16
CA PHE A 209 25.88 -1.23 -14.42
C PHE A 209 26.88 -1.43 -15.56
N VAL A 210 27.84 -0.50 -15.71
CA VAL A 210 28.80 -0.64 -16.82
C VAL A 210 29.75 -1.79 -16.57
N LYS A 211 30.07 -2.10 -15.30
CA LYS A 211 30.93 -3.22 -15.01
C LYS A 211 30.24 -4.55 -15.35
N ASP A 212 28.95 -4.65 -15.07
CA ASP A 212 28.21 -5.88 -15.31
C ASP A 212 27.82 -6.05 -16.77
N SER A 213 28.16 -5.10 -17.64
CA SER A 213 27.89 -5.24 -19.06
C SER A 213 28.63 -6.45 -19.62
N ASN A 214 27.93 -7.26 -20.40
CA ASN A 214 28.57 -8.38 -21.07
C ASN A 214 29.51 -7.86 -22.14
N PRO A 215 30.75 -8.36 -22.22
CA PRO A 215 31.75 -7.76 -23.13
C PRO A 215 31.40 -7.90 -24.61
N ILE A 216 31.01 -9.09 -25.04
CA ILE A 216 30.73 -9.29 -26.46
C ILE A 216 29.42 -8.64 -26.86
N VAL A 217 28.43 -8.63 -25.97
CA VAL A 217 27.15 -7.97 -26.21
C VAL A 217 26.90 -7.01 -25.05
N PRO A 218 26.92 -5.68 -25.28
CA PRO A 218 26.75 -4.76 -24.15
C PRO A 218 25.35 -4.73 -23.57
N GLY A 219 24.34 -5.12 -24.34
CA GLY A 219 22.96 -5.05 -23.88
C GLY A 219 22.55 -6.12 -22.90
N LEU A 220 23.41 -7.09 -22.62
CA LEU A 220 23.12 -8.16 -21.69
C LEU A 220 23.95 -8.00 -20.42
N SER A 221 23.50 -8.66 -19.36
CA SER A 221 24.28 -8.79 -18.14
C SER A 221 25.15 -10.04 -18.24
N LYS A 222 26.39 -9.94 -17.75
CA LYS A 222 27.28 -11.08 -17.80
C LYS A 222 26.97 -12.10 -16.71
N THR A 223 26.22 -11.70 -15.68
CA THR A 223 25.88 -12.59 -14.59
C THR A 223 24.52 -13.26 -14.75
N THR A 224 23.60 -12.66 -15.50
CA THR A 224 22.28 -13.24 -15.72
C THR A 224 22.00 -13.57 -17.18
N ASN A 225 22.84 -13.13 -18.12
CA ASN A 225 22.68 -13.41 -19.54
C ASN A 225 21.33 -12.93 -20.07
N LEU A 226 20.83 -11.81 -19.52
CA LEU A 226 19.56 -11.23 -19.92
C LEU A 226 19.72 -9.73 -20.05
N GLU A 227 18.78 -9.11 -20.76
CA GLU A 227 18.89 -7.68 -21.08
C GLU A 227 18.95 -6.83 -19.82
N LYS A 228 19.63 -5.69 -19.94
CA LYS A 228 19.69 -4.68 -18.90
C LYS A 228 19.46 -3.31 -19.51
N GLY A 229 19.13 -2.34 -18.67
CA GLY A 229 18.87 -1.00 -19.18
C GLY A 229 18.61 -0.03 -18.05
N CYS A 230 18.11 1.13 -18.42
CA CYS A 230 17.87 2.24 -17.51
C CYS A 230 16.37 2.51 -17.41
N LEU A 231 16.02 3.43 -16.50
CA LEU A 231 14.65 3.81 -16.25
C LEU A 231 14.64 5.12 -15.47
N ILE A 232 13.78 6.04 -15.86
CA ILE A 232 13.67 7.34 -15.20
C ILE A 232 12.41 7.35 -14.35
N GLN A 233 12.57 7.69 -13.07
CA GLN A 233 11.48 7.70 -12.11
C GLN A 233 11.00 9.14 -11.90
N LEU A 234 9.70 9.35 -12.06
CA LEU A 234 9.08 10.66 -11.92
C LEU A 234 8.12 10.65 -10.73
N SER A 235 8.38 11.53 -9.77
CA SER A 235 7.63 11.62 -8.53
C SER A 235 6.52 12.65 -8.65
N ASP A 236 5.39 12.36 -7.98
CA ASP A 236 4.27 13.29 -7.98
C ASP A 236 4.62 14.55 -7.18
N LYS A 237 3.99 15.65 -7.55
CA LYS A 237 4.29 16.94 -6.94
C LYS A 237 3.43 17.24 -5.73
N ASN A 238 2.23 16.70 -5.73
CA ASN A 238 1.34 16.91 -4.67
C ASN A 238 1.97 16.40 -3.45
N LEU A 239 2.69 15.31 -3.59
CA LEU A 239 3.34 14.71 -2.47
C LEU A 239 4.76 15.05 -2.59
N ILE A 240 5.33 15.69 -1.58
CA ILE A 240 6.71 16.02 -1.63
C ILE A 240 7.28 15.32 -0.48
N GLY A 241 6.99 15.82 0.70
CA GLY A 241 7.48 15.19 1.87
C GLY A 241 6.29 14.48 2.41
N SER A 242 6.25 13.19 2.17
CA SER A 242 5.21 12.40 2.67
C SER A 242 6.07 11.31 3.12
N ASP A 243 5.65 10.60 4.15
CA ASP A 243 6.42 9.54 4.64
C ASP A 243 5.84 8.24 4.33
N ASP A 244 4.90 8.21 3.42
CA ASP A 244 4.26 6.99 2.95
C ASP A 244 5.09 6.37 1.84
N LYS A 245 5.06 5.04 1.77
CA LYS A 245 5.68 4.39 0.61
C LYS A 245 4.77 4.49 -0.60
N GLU A 246 3.46 4.49 -0.37
CA GLU A 246 2.49 4.76 -1.41
C GLU A 246 2.75 6.07 -2.13
N LYS A 247 3.41 7.03 -1.44
CA LYS A 247 3.71 8.38 -1.93
C LYS A 247 3.74 8.49 -3.45
N CYS A 248 4.88 8.19 -4.06
CA CYS A 248 4.95 8.12 -5.50
C CYS A 248 4.82 6.69 -6.02
N LEU A 249 5.35 5.70 -5.30
CA LEU A 249 5.39 4.33 -5.81
C LEU A 249 4.04 3.86 -6.35
N TYR A 250 2.95 4.45 -5.86
CA TYR A 250 1.64 4.30 -6.48
C TYR A 250 1.36 5.41 -7.49
N ASN A 251 1.73 6.64 -7.14
CA ASN A 251 1.42 7.84 -7.93
C ASN A 251 2.56 8.23 -8.87
N SER A 252 3.62 7.44 -8.94
CA SER A 252 4.76 7.79 -9.78
C SER A 252 4.47 7.48 -11.24
N LYS A 253 5.09 8.25 -12.12
CA LYS A 253 5.09 7.93 -13.53
C LYS A 253 6.54 7.73 -13.95
N TYR A 254 6.73 7.02 -15.05
CA TYR A 254 8.08 6.62 -15.44
C TYR A 254 8.35 6.98 -16.88
N ILE A 255 9.58 7.39 -17.15
CA ILE A 255 10.07 7.57 -18.51
C ILE A 255 10.94 6.38 -18.85
N TYR A 256 10.60 5.71 -19.95
CA TYR A 256 11.18 4.44 -20.36
C TYR A 256 12.11 4.64 -21.55
N PRO A 257 13.16 3.82 -21.65
CA PRO A 257 14.10 3.93 -22.77
C PRO A 257 13.41 3.66 -24.09
N PRO A 258 13.99 4.11 -25.21
CA PRO A 258 13.35 3.90 -26.52
C PRO A 258 13.50 2.48 -27.03
N LYS A 259 14.65 1.85 -26.73
CA LYS A 259 14.93 0.51 -27.18
C LYS A 259 15.82 -0.19 -26.17
N LEU A 260 15.91 -1.51 -26.30
CA LEU A 260 16.82 -2.31 -25.50
C LEU A 260 18.16 -2.41 -26.21
N HIS A 261 19.13 -3.04 -25.54
CA HIS A 261 20.48 -3.24 -26.09
C HIS A 261 21.13 -1.92 -26.50
N MET A 262 20.88 -0.89 -25.71
CA MET A 262 21.56 0.38 -25.94
C MET A 262 23.01 0.29 -25.51
N THR A 263 23.88 0.99 -26.22
CA THR A 263 25.25 1.13 -25.76
C THR A 263 25.30 2.13 -24.61
N ASN A 264 26.35 2.02 -23.80
CA ASN A 264 26.47 2.88 -22.62
C ASN A 264 26.42 4.36 -22.99
N GLU A 265 27.11 4.73 -24.07
CA GLU A 265 27.13 6.13 -24.48
C GLU A 265 25.74 6.64 -24.82
N GLU A 266 25.00 5.91 -25.65
CA GLU A 266 23.65 6.35 -25.99
C GLU A 266 22.73 6.31 -24.78
N ILE A 267 22.99 5.42 -23.81
CA ILE A 267 22.23 5.43 -22.56
C ILE A 267 22.43 6.76 -21.85
N ALA A 268 23.69 7.16 -21.65
CA ALA A 268 23.96 8.41 -20.96
C ALA A 268 23.40 9.60 -21.75
N ALA A 269 23.53 9.57 -23.07
CA ALA A 269 22.98 10.63 -23.90
C ALA A 269 21.47 10.72 -23.75
N TRP A 270 20.78 9.58 -23.67
CA TRP A 270 19.34 9.59 -23.49
C TRP A 270 18.95 10.12 -22.12
N ILE A 271 19.70 9.75 -21.08
CA ILE A 271 19.42 10.27 -19.76
C ILE A 271 19.57 11.79 -19.74
N SER A 272 20.69 12.29 -20.26
CA SER A 272 20.94 13.72 -20.28
C SER A 272 19.89 14.47 -21.09
N SER A 273 19.65 14.01 -22.33
CA SER A 273 18.67 14.67 -23.19
C SER A 273 17.27 14.65 -22.57
N GLU A 274 16.91 13.54 -21.92
CA GLU A 274 15.60 13.45 -21.28
C GLU A 274 15.48 14.42 -20.12
N ILE A 275 16.54 14.54 -19.30
CA ILE A 275 16.53 15.49 -18.19
C ILE A 275 16.40 16.92 -18.72
N ALA A 276 17.23 17.28 -19.69
CA ALA A 276 17.25 18.67 -20.17
C ALA A 276 15.93 19.07 -20.82
N ASN A 277 15.37 18.21 -21.66
CA ASN A 277 14.13 18.48 -22.37
C ASN A 277 12.89 18.26 -21.52
N TYR A 278 13.05 17.87 -20.25
CA TYR A 278 11.90 17.56 -19.43
C TYR A 278 10.93 18.72 -19.27
N HIS A 279 11.39 19.97 -19.41
CA HIS A 279 10.48 21.09 -19.18
C HIS A 279 9.40 21.19 -20.27
N ASN A 280 9.72 20.81 -21.51
CA ASN A 280 8.70 20.79 -22.56
C ASN A 280 7.79 19.57 -22.48
N ASN A 281 8.12 18.61 -21.61
CA ASN A 281 7.28 17.44 -21.39
C ASN A 281 5.95 17.82 -20.74
N ASP A 282 4.89 17.14 -21.15
CA ASP A 282 3.57 17.40 -20.58
C ASP A 282 3.53 17.03 -19.10
N LEU A 283 4.28 15.98 -18.73
CA LEU A 283 4.40 15.50 -17.35
C LEU A 283 5.22 16.44 -16.47
N SER A 284 5.99 17.36 -17.07
CA SER A 284 6.83 18.27 -16.28
C SER A 284 6.01 19.17 -15.38
N GLU A 285 4.80 19.54 -15.78
CA GLU A 285 3.98 20.40 -14.93
C GLU A 285 3.44 19.67 -13.71
N ASN A 286 3.24 18.36 -13.79
CA ASN A 286 2.69 17.60 -12.68
C ASN A 286 3.66 16.63 -12.02
N TYR A 287 4.89 16.50 -12.51
CA TYR A 287 5.80 15.51 -11.95
C TYR A 287 7.24 16.03 -11.98
N MET A 288 8.02 15.58 -11.00
CA MET A 288 9.42 15.96 -10.85
C MET A 288 10.31 14.75 -11.13
N ILE A 289 11.40 14.98 -11.88
CA ILE A 289 12.38 13.93 -12.08
C ILE A 289 12.99 13.56 -10.73
N ASP A 290 12.79 12.32 -10.31
CA ASP A 290 13.29 11.87 -9.02
C ASP A 290 14.63 11.18 -9.19
N ALA A 291 14.64 9.86 -9.26
CA ALA A 291 15.86 9.08 -9.38
C ALA A 291 15.96 8.45 -10.76
N VAL A 292 17.14 7.91 -11.06
CA VAL A 292 17.40 7.14 -12.27
C VAL A 292 17.82 5.75 -11.85
N ILE A 293 16.99 4.76 -12.18
CA ILE A 293 17.20 3.38 -11.76
C ILE A 293 17.81 2.60 -12.91
N TYR A 294 18.69 1.66 -12.58
CA TYR A 294 19.34 0.78 -13.55
C TYR A 294 18.97 -0.65 -13.22
N TRP A 295 18.38 -1.35 -14.19
CA TRP A 295 17.80 -2.66 -13.98
C TRP A 295 18.45 -3.69 -14.90
N ARG A 296 18.29 -4.96 -14.52
CA ARG A 296 18.67 -6.09 -15.35
C ARG A 296 17.72 -7.23 -15.07
N LEU A 297 17.37 -7.98 -16.11
CA LEU A 297 16.55 -9.17 -15.95
C LEU A 297 17.39 -10.31 -15.40
N SER A 298 16.85 -11.04 -14.42
CA SER A 298 17.53 -12.17 -13.81
C SER A 298 16.91 -13.51 -14.18
N GLN A 299 15.62 -13.54 -14.50
CA GLN A 299 14.93 -14.76 -14.86
C GLN A 299 13.68 -14.40 -15.65
N VAL A 300 13.52 -14.99 -16.83
CA VAL A 300 12.37 -14.72 -17.68
C VAL A 300 11.85 -16.06 -18.19
N THR A 301 10.58 -16.36 -17.92
CA THR A 301 9.92 -17.52 -18.48
C THR A 301 8.71 -17.07 -19.29
N CYS A 302 8.39 -17.83 -20.33
CA CYS A 302 7.26 -17.55 -21.21
C CYS A 302 6.53 -18.85 -21.46
N ASN A 303 5.20 -18.82 -21.35
CA ASN A 303 4.40 -20.03 -21.50
C ASN A 303 3.12 -19.73 -22.27
N LEU A 304 2.88 -20.49 -23.33
CA LEU A 304 1.71 -20.28 -24.17
C LEU A 304 0.47 -20.87 -23.50
N ILE A 305 -0.62 -20.10 -23.49
CA ILE A 305 -1.90 -20.51 -22.93
C ILE A 305 -2.97 -20.27 -23.98
N LYS A 306 -3.77 -21.30 -24.24
CA LYS A 306 -4.86 -21.23 -25.22
C LYS A 306 -6.20 -21.18 -24.50
N LEU A 307 -7.19 -20.60 -25.18
CA LEU A 307 -8.50 -20.37 -24.59
C LEU A 307 -9.36 -21.64 -24.62
N ASN A 308 -9.98 -21.96 -23.49
CA ASN A 308 -11.04 -22.96 -23.43
C ASN A 308 -12.36 -22.21 -23.28
N LYS A 309 -13.04 -21.99 -24.40
CA LYS A 309 -14.22 -21.14 -24.41
C LYS A 309 -15.40 -21.83 -23.72
N GLU A 310 -15.60 -23.12 -23.99
CA GLU A 310 -16.73 -23.83 -23.41
C GLU A 310 -16.66 -23.90 -21.90
N ALA A 311 -15.46 -24.16 -21.34
CA ALA A 311 -15.32 -24.26 -19.90
C ALA A 311 -15.66 -22.94 -19.20
N PHE A 312 -15.39 -21.81 -19.84
CA PHE A 312 -15.73 -20.52 -19.27
C PHE A 312 -17.22 -20.21 -19.41
N GLU A 313 -17.78 -20.49 -20.59
CA GLU A 313 -19.20 -20.24 -20.81
C GLU A 313 -20.06 -21.09 -19.88
N GLU A 314 -19.58 -22.27 -19.49
CA GLU A 314 -20.29 -23.04 -18.47
C GLU A 314 -20.34 -22.29 -17.14
N LYS A 315 -19.34 -21.45 -16.87
CA LYS A 315 -19.26 -20.70 -15.63
C LYS A 315 -19.90 -19.31 -15.69
N ILE A 316 -20.29 -18.85 -16.88
CA ILE A 316 -20.95 -17.54 -16.98
C ILE A 316 -22.19 -17.41 -16.11
N PRO A 317 -23.09 -18.41 -16.02
CA PRO A 317 -24.27 -18.23 -15.15
C PRO A 317 -23.94 -17.82 -13.71
N LEU A 318 -22.92 -18.42 -13.09
CA LEU A 318 -22.53 -18.00 -11.75
C LEU A 318 -22.17 -16.52 -11.72
N LEU A 319 -21.42 -16.06 -12.72
CA LEU A 319 -21.06 -14.65 -12.80
C LEU A 319 -22.30 -13.77 -12.94
N GLN A 320 -23.28 -14.23 -13.72
CA GLN A 320 -24.52 -13.48 -13.87
C GLN A 320 -25.26 -13.35 -12.54
N GLN A 321 -25.35 -14.46 -11.80
CA GLN A 321 -26.02 -14.41 -10.50
C GLN A 321 -25.29 -13.47 -9.54
N PHE A 322 -23.96 -13.57 -9.50
CA PHE A 322 -23.16 -12.68 -8.64
C PHE A 322 -23.40 -11.22 -9.00
N TRP A 323 -23.35 -10.89 -10.29
CA TRP A 323 -23.55 -9.51 -10.71
C TRP A 323 -24.96 -9.04 -10.39
N ASP A 324 -25.95 -9.94 -10.47
CA ASP A 324 -27.29 -9.57 -10.05
C ASP A 324 -27.35 -9.27 -8.55
N TYR A 325 -26.56 -9.98 -7.74
CA TYR A 325 -26.45 -9.60 -6.33
C TYR A 325 -25.85 -8.21 -6.19
N VAL A 326 -24.81 -7.91 -6.96
CA VAL A 326 -24.17 -6.59 -6.88
C VAL A 326 -25.18 -5.50 -7.23
N LEU A 327 -25.85 -5.63 -8.37
CA LEU A 327 -26.89 -4.68 -8.74
C LEU A 327 -27.98 -4.60 -7.69
N PHE A 328 -28.25 -5.71 -7.00
CA PHE A 328 -29.26 -5.70 -5.94
C PHE A 328 -28.84 -4.78 -4.80
N TYR A 329 -27.68 -5.05 -4.20
CA TYR A 329 -27.28 -4.24 -3.04
C TYR A 329 -26.88 -2.83 -3.42
N ARG A 330 -26.64 -2.55 -4.70
CA ARG A 330 -26.39 -1.18 -5.10
C ARG A 330 -27.61 -0.29 -4.90
N GLN A 331 -28.81 -0.87 -4.90
CA GLN A 331 -30.04 -0.09 -4.78
C GLN A 331 -30.65 -0.11 -3.38
N HIS A 332 -30.15 -0.96 -2.49
CA HIS A 332 -30.69 -1.08 -1.13
C HIS A 332 -29.57 -0.85 -0.12
N SER A 333 -29.40 0.40 0.30
CA SER A 333 -28.31 0.76 1.21
C SER A 333 -28.50 0.14 2.59
N ASP A 334 -29.74 0.07 3.07
CA ASP A 334 -30.01 -0.52 4.38
C ASP A 334 -29.59 -1.98 4.42
N LYS A 335 -30.08 -2.77 3.46
CA LYS A 335 -29.74 -4.19 3.41
C LYS A 335 -28.25 -4.41 3.21
N LEU A 336 -27.58 -3.46 2.55
CA LEU A 336 -26.12 -3.55 2.42
C LEU A 336 -25.44 -3.30 3.76
N ASP A 337 -25.96 -2.35 4.53
CA ASP A 337 -25.39 -2.07 5.86
C ASP A 337 -25.53 -3.29 6.76
N LYS A 338 -26.75 -3.83 6.86
CA LYS A 338 -26.96 -5.00 7.72
C LYS A 338 -26.25 -6.23 7.18
N LEU A 339 -26.03 -6.31 5.86
CA LEU A 339 -25.19 -7.36 5.32
C LEU A 339 -23.75 -7.22 5.79
N ILE A 340 -23.21 -6.00 5.75
CA ILE A 340 -21.84 -5.77 6.21
C ILE A 340 -21.71 -6.14 7.69
N LYS A 341 -22.73 -5.82 8.50
CA LYS A 341 -22.70 -6.23 9.89
C LYS A 341 -22.76 -7.75 10.03
N PHE A 342 -23.54 -8.41 9.15
CA PHE A 342 -23.59 -9.87 9.17
C PHE A 342 -22.23 -10.47 8.84
N VAL A 343 -21.49 -9.85 7.92
CA VAL A 343 -20.13 -10.30 7.64
C VAL A 343 -19.20 -9.96 8.78
N GLU A 344 -19.52 -8.92 9.57
CA GLU A 344 -18.77 -8.68 10.80
C GLU A 344 -18.96 -9.84 11.78
N LYS A 345 -20.17 -10.38 11.87
CA LYS A 345 -20.41 -11.50 12.77
C LYS A 345 -19.67 -12.75 12.31
N VAL A 346 -20.16 -13.39 11.25
CA VAL A 346 -19.51 -14.58 10.70
C VAL A 346 -18.44 -14.14 9.72
N LYS A 347 -17.26 -14.77 9.81
CA LYS A 347 -16.08 -14.31 9.12
C LYS A 347 -16.26 -14.35 7.60
N GLU A 348 -15.39 -13.61 6.90
CA GLU A 348 -15.53 -13.45 5.46
C GLU A 348 -15.21 -14.73 4.69
N ASP A 349 -14.49 -15.68 5.29
CA ASP A 349 -14.18 -16.92 4.59
C ASP A 349 -15.35 -17.89 4.58
N ASN A 350 -16.38 -17.65 5.40
CA ASN A 350 -17.56 -18.52 5.45
C ASN A 350 -18.51 -18.05 4.36
N SER A 351 -18.19 -18.43 3.12
CA SER A 351 -18.97 -17.97 1.98
C SER A 351 -20.35 -18.62 1.94
N ALA A 352 -20.47 -19.85 2.44
CA ALA A 352 -21.74 -20.55 2.41
C ALA A 352 -22.80 -19.81 3.20
N GLU A 353 -22.48 -19.43 4.44
CA GLU A 353 -23.44 -18.71 5.27
C GLU A 353 -23.67 -17.29 4.75
N ILE A 354 -22.61 -16.60 4.35
CA ILE A 354 -22.73 -15.23 3.87
C ILE A 354 -23.66 -15.16 2.66
N PHE A 355 -23.46 -16.05 1.69
CA PHE A 355 -24.24 -15.99 0.47
C PHE A 355 -25.56 -16.74 0.57
N SER A 356 -25.73 -17.58 1.59
CA SER A 356 -27.07 -18.02 1.94
C SER A 356 -27.90 -16.85 2.46
N TYR A 357 -27.29 -16.06 3.35
CA TYR A 357 -27.92 -14.81 3.79
C TYR A 357 -28.23 -13.91 2.60
N ILE A 358 -27.27 -13.76 1.69
CA ILE A 358 -27.47 -12.87 0.54
C ILE A 358 -28.61 -13.38 -0.34
N ASN A 359 -28.69 -14.71 -0.54
CA ASN A 359 -29.77 -15.24 -1.36
C ASN A 359 -31.12 -15.08 -0.69
N GLU A 360 -31.17 -15.18 0.64
CA GLU A 360 -32.40 -14.87 1.37
C GLU A 360 -32.82 -13.42 1.13
N ASP A 361 -31.89 -12.49 1.34
CA ASP A 361 -32.17 -11.07 1.15
C ASP A 361 -32.63 -10.80 -0.27
N PHE A 362 -32.08 -11.51 -1.25
CA PHE A 362 -32.45 -11.30 -2.64
C PHE A 362 -33.85 -11.84 -2.91
N LEU A 363 -34.13 -13.07 -2.46
CA LEU A 363 -35.44 -13.67 -2.68
C LEU A 363 -36.56 -12.94 -1.95
N SER A 364 -36.25 -12.21 -0.87
CA SER A 364 -37.30 -11.49 -0.16
C SER A 364 -37.98 -10.45 -1.05
N LEU A 365 -37.22 -9.85 -1.96
CA LEU A 365 -37.76 -8.83 -2.86
C LEU A 365 -37.85 -9.32 -4.31
N ASN A 366 -37.38 -10.54 -4.59
CA ASN A 366 -37.52 -11.18 -5.90
C ASN A 366 -37.99 -12.60 -5.61
N LYS A 367 -39.29 -12.78 -5.45
CA LYS A 367 -39.81 -14.06 -4.99
C LYS A 367 -39.99 -15.08 -6.12
N ASP A 368 -39.47 -14.81 -7.32
CA ASP A 368 -39.61 -15.76 -8.43
C ASP A 368 -38.34 -15.90 -9.27
N SER A 369 -37.18 -15.50 -8.77
CA SER A 369 -35.96 -15.49 -9.57
C SER A 369 -35.24 -16.83 -9.64
N LYS A 370 -35.75 -17.86 -8.95
CA LYS A 370 -35.26 -19.23 -9.02
C LYS A 370 -33.78 -19.36 -8.64
N TYR A 371 -33.20 -18.33 -8.02
CA TYR A 371 -31.79 -18.38 -7.64
C TYR A 371 -31.60 -19.23 -6.38
N GLU A 372 -30.60 -20.09 -6.40
CA GLU A 372 -30.23 -20.89 -5.24
C GLU A 372 -28.94 -20.34 -4.63
N PRO A 373 -28.67 -20.62 -3.35
CA PRO A 373 -27.48 -20.05 -2.70
C PRO A 373 -26.19 -20.51 -3.37
N LEU A 374 -25.25 -19.59 -3.50
CA LEU A 374 -23.95 -19.88 -4.07
C LEU A 374 -22.99 -20.36 -2.97
N TYR A 375 -21.93 -21.05 -3.42
CA TYR A 375 -20.85 -21.49 -2.54
C TYR A 375 -21.37 -22.36 -1.39
N GLN A 376 -22.39 -23.16 -1.66
CA GLN A 376 -22.90 -24.07 -0.64
C GLN A 376 -21.97 -25.24 -0.43
N GLU A 377 -21.14 -25.57 -1.42
CA GLU A 377 -20.11 -26.59 -1.31
C GLU A 377 -18.80 -26.01 -1.82
N GLU A 378 -17.71 -26.34 -1.11
CA GLU A 378 -16.39 -25.87 -1.51
C GLU A 378 -16.01 -26.40 -2.88
N THR A 379 -15.43 -25.53 -3.70
CA THR A 379 -14.86 -25.97 -4.96
C THR A 379 -13.61 -26.81 -4.69
N GLU A 380 -13.20 -27.59 -5.69
CA GLU A 380 -12.00 -28.41 -5.55
C GLU A 380 -10.76 -27.56 -5.33
N TRP A 381 -10.70 -26.40 -5.99
CA TRP A 381 -9.55 -25.51 -5.80
C TRP A 381 -9.55 -24.91 -4.40
N ARG A 382 -10.72 -24.58 -3.86
CA ARG A 382 -10.80 -24.15 -2.48
C ARG A 382 -10.29 -25.25 -1.55
N LYS A 383 -10.62 -26.50 -1.86
CA LYS A 383 -10.15 -27.63 -1.07
C LYS A 383 -8.62 -27.72 -1.10
N LYS A 384 -8.05 -27.60 -2.31
CA LYS A 384 -6.60 -27.67 -2.46
C LYS A 384 -5.91 -26.53 -1.71
N TYR A 385 -6.44 -25.31 -1.86
CA TYR A 385 -5.88 -24.17 -1.16
C TYR A 385 -5.99 -24.33 0.35
N ASN A 386 -7.09 -24.92 0.82
CA ASN A 386 -7.21 -25.17 2.26
C ASN A 386 -6.20 -26.21 2.73
N GLN A 387 -5.92 -27.21 1.89
CA GLN A 387 -4.88 -28.18 2.23
C GLN A 387 -3.52 -27.50 2.36
N ILE A 388 -3.21 -26.59 1.44
CA ILE A 388 -1.93 -25.90 1.47
C ILE A 388 -1.87 -24.93 2.65
N LYS A 389 -3.00 -24.30 2.98
CA LYS A 389 -3.04 -23.33 4.06
C LYS A 389 -2.85 -23.98 5.43
N ALA A 390 -3.42 -25.17 5.62
CA ALA A 390 -3.28 -25.88 6.89
C ALA A 390 -2.15 -26.90 6.82
N THR B 2 33.56 2.25 26.79
CA THR B 2 33.20 3.53 26.20
C THR B 2 31.71 3.55 25.85
N TYR B 3 31.02 2.44 26.11
CA TYR B 3 29.57 2.31 25.92
C TYR B 3 28.79 3.05 26.97
N GLU B 4 29.22 2.95 28.20
CA GLU B 4 28.50 3.63 29.27
C GLU B 4 28.55 5.15 29.11
N ASP B 5 29.48 5.67 28.31
CA ASP B 5 29.56 7.10 28.06
C ASP B 5 28.36 7.60 27.24
N LEU B 6 27.66 6.69 26.56
CA LEU B 6 26.52 7.10 25.75
C LEU B 6 25.24 7.24 26.57
N ILE B 7 25.20 6.69 27.78
CA ILE B 7 24.04 6.82 28.64
C ILE B 7 24.08 8.22 29.26
N SER B 8 23.16 9.08 28.83
CA SER B 8 23.05 10.41 29.42
C SER B 8 22.24 10.33 30.72
N HIS B 9 22.80 10.91 31.78
CA HIS B 9 22.14 10.97 33.08
C HIS B 9 21.57 12.35 33.37
N LYS B 10 21.38 13.19 32.34
CA LYS B 10 20.87 14.54 32.56
C LYS B 10 19.46 14.54 33.15
N HIS B 11 18.69 13.47 32.92
CA HIS B 11 17.31 13.40 33.38
C HIS B 11 17.14 12.53 34.63
N ASP B 12 18.24 12.14 35.27
CA ASP B 12 18.14 11.39 36.51
C ASP B 12 17.73 12.32 37.66
N TYR B 13 16.70 11.90 38.40
CA TYR B 13 16.16 12.69 39.51
C TYR B 13 16.91 12.35 40.80
N PRO B 14 17.41 13.35 41.53
CA PRO B 14 18.30 13.07 42.68
C PRO B 14 17.59 12.65 43.96
N LYS B 15 16.25 12.62 43.99
CA LYS B 15 15.53 12.39 45.24
C LYS B 15 14.69 11.13 45.15
N GLU B 16 14.29 10.63 46.33
CA GLU B 16 13.55 9.38 46.43
C GLU B 16 12.08 9.58 46.07
N ILE B 17 11.52 10.72 46.44
CA ILE B 17 10.14 11.07 46.12
C ILE B 17 10.17 12.34 45.28
N TYR B 18 9.18 12.50 44.42
CA TYR B 18 9.07 13.68 43.60
C TYR B 18 8.70 14.88 44.47
N LYS B 19 9.54 15.93 44.43
CA LYS B 19 9.31 17.13 45.22
C LYS B 19 8.48 18.15 44.45
N GLU B 20 8.88 18.45 43.21
CA GLU B 20 8.18 19.44 42.42
C GLU B 20 6.79 18.93 42.02
N SER B 21 5.85 19.87 41.88
CA SER B 21 4.45 19.49 41.70
C SER B 21 4.20 18.83 40.36
N HIS B 22 4.83 19.32 39.30
CA HIS B 22 4.57 18.77 37.97
C HIS B 22 4.99 17.32 37.87
N TYR B 23 6.14 16.96 38.46
CA TYR B 23 6.54 15.56 38.49
C TYR B 23 5.48 14.69 39.18
N ILE B 24 4.93 15.19 40.29
CA ILE B 24 3.92 14.43 41.03
C ILE B 24 2.67 14.23 40.19
N ARG B 25 2.17 15.30 39.57
CA ARG B 25 0.95 15.18 38.78
C ARG B 25 1.16 14.27 37.57
N ARG B 26 2.32 14.38 36.92
CA ARG B 26 2.59 13.54 35.75
C ARG B 26 2.67 12.07 36.14
N ASN B 27 3.36 11.76 37.24
CA ASN B 27 3.43 10.38 37.70
C ASN B 27 2.05 9.84 38.09
N THR B 28 1.26 10.66 38.79
CA THR B 28 -0.09 10.24 39.17
C THR B 28 -0.95 9.97 37.94
N ARG B 29 -0.87 10.84 36.93
CA ARG B 29 -1.63 10.64 35.71
C ARG B 29 -1.20 9.39 34.96
N LEU B 30 0.11 9.13 34.92
CA LEU B 30 0.59 7.90 34.30
C LEU B 30 0.07 6.68 35.04
N ASP B 31 0.08 6.73 36.39
CA ASP B 31 -0.46 5.64 37.18
C ASP B 31 -1.95 5.44 36.91
N VAL B 32 -2.67 6.54 36.63
CA VAL B 32 -4.06 6.40 36.20
C VAL B 32 -4.13 5.71 34.84
N ILE B 33 -3.21 6.03 33.93
CA ILE B 33 -3.24 5.47 32.59
C ILE B 33 -3.02 3.97 32.63
N LYS B 34 -2.12 3.49 33.52
CA LYS B 34 -1.89 2.05 33.60
C LYS B 34 -3.15 1.32 34.05
N LYS B 35 -4.03 1.98 34.79
CA LYS B 35 -5.26 1.34 35.23
C LYS B 35 -6.28 1.20 34.11
N ILE B 36 -6.11 1.94 33.02
CA ILE B 36 -7.00 1.84 31.86
C ILE B 36 -6.70 0.54 31.12
N PRO B 37 -7.70 -0.32 30.91
CA PRO B 37 -7.41 -1.63 30.30
C PRO B 37 -7.11 -1.51 28.82
N GLN B 38 -6.03 -2.15 28.39
CA GLN B 38 -5.77 -2.36 26.98
C GLN B 38 -6.51 -3.60 26.50
N PHE B 39 -6.69 -3.70 25.19
CA PHE B 39 -7.51 -4.75 24.61
C PHE B 39 -6.76 -5.46 23.50
N GLU B 40 -7.16 -6.71 23.26
CA GLU B 40 -6.53 -7.51 22.22
C GLU B 40 -6.88 -6.99 20.84
N GLN B 41 -5.94 -7.15 19.91
CA GLN B 41 -6.05 -6.52 18.60
C GLN B 41 -7.15 -7.16 17.76
N LYS B 42 -7.77 -6.34 16.91
CA LYS B 42 -8.73 -6.78 15.89
C LYS B 42 -9.93 -7.53 16.48
N SER B 43 -10.23 -7.33 17.76
CA SER B 43 -11.32 -8.06 18.39
C SER B 43 -11.76 -7.33 19.64
N LYS B 44 -12.92 -7.75 20.17
CA LYS B 44 -13.51 -7.21 21.39
C LYS B 44 -13.90 -5.74 21.24
N GLU B 45 -13.82 -4.99 22.34
CA GLU B 45 -14.17 -3.57 22.34
C GLU B 45 -13.22 -2.71 21.52
N TRP B 46 -12.14 -3.30 21.00
CA TRP B 46 -11.18 -2.55 20.19
C TRP B 46 -11.88 -1.89 19.00
N LEU B 47 -12.85 -2.58 18.41
CA LEU B 47 -13.67 -1.96 17.35
C LEU B 47 -14.47 -0.80 17.91
N LYS B 48 -15.10 -1.00 19.08
CA LYS B 48 -15.84 0.06 19.75
C LYS B 48 -14.94 1.19 20.22
N GLN B 49 -13.62 0.99 20.22
CA GLN B 49 -12.69 2.08 20.48
C GLN B 49 -12.30 2.80 19.21
N ARG B 50 -12.12 2.08 18.11
CA ARG B 50 -11.71 2.72 16.86
C ARG B 50 -12.85 3.51 16.24
N THR B 51 -14.06 2.92 16.18
CA THR B 51 -15.17 3.58 15.50
C THR B 51 -15.79 4.70 16.34
N GLU B 52 -15.49 4.76 17.63
CA GLU B 52 -16.11 5.73 18.52
C GLU B 52 -15.29 7.02 18.65
N SER B 53 -14.21 7.18 17.88
CA SER B 53 -13.36 8.35 18.05
C SER B 53 -12.61 8.67 16.76
N LEU B 54 -12.08 9.89 16.72
CA LEU B 54 -11.17 10.35 15.68
C LEU B 54 -9.74 10.19 16.15
N THR B 55 -8.94 9.43 15.39
CA THR B 55 -7.54 9.25 15.74
C THR B 55 -6.78 10.58 15.60
N ALA B 56 -5.62 10.64 16.27
CA ALA B 56 -4.84 11.87 16.29
C ALA B 56 -4.35 12.26 14.91
N THR B 57 -4.07 11.28 14.04
CA THR B 57 -3.61 11.59 12.69
C THR B 57 -4.72 12.20 11.83
N ALA B 58 -5.98 12.04 12.23
CA ALA B 58 -7.09 12.62 11.47
C ALA B 58 -7.38 14.06 11.87
N ILE B 59 -6.95 14.48 13.07
CA ILE B 59 -7.28 15.80 13.57
C ILE B 59 -6.64 16.88 12.69
N SER B 60 -5.42 16.63 12.23
CA SER B 60 -4.77 17.58 11.33
C SER B 60 -5.58 17.76 10.05
N VAL B 61 -6.21 16.68 9.57
CA VAL B 61 -7.04 16.77 8.37
C VAL B 61 -8.33 17.53 8.68
N VAL B 62 -8.96 17.23 9.81
CA VAL B 62 -10.23 17.87 10.14
C VAL B 62 -10.05 19.37 10.34
N PHE B 63 -8.90 19.80 10.89
CA PHE B 63 -8.63 21.22 11.04
C PHE B 63 -8.47 21.95 9.72
N ASP B 64 -8.54 21.26 8.59
CA ASP B 64 -8.26 21.82 7.28
C ASP B 64 -6.83 22.38 7.23
N GLU B 65 -5.91 21.72 7.92
CA GLU B 65 -4.52 22.15 8.03
C GLU B 65 -3.57 21.01 7.70
N ASP B 66 -4.02 20.05 6.89
CA ASP B 66 -3.21 18.92 6.46
C ASP B 66 -2.95 19.05 4.97
N PRO B 67 -1.70 18.87 4.52
CA PRO B 67 -1.35 19.15 3.13
C PRO B 67 -1.60 18.02 2.14
N TYR B 68 -2.18 16.90 2.55
CA TYR B 68 -2.32 15.76 1.64
C TYR B 68 -3.75 15.21 1.63
N LYS B 69 -4.45 15.36 2.74
CA LYS B 69 -5.83 14.89 2.85
C LYS B 69 -6.74 16.06 3.20
N HIS B 70 -7.99 15.97 2.74
CA HIS B 70 -9.02 16.98 2.98
C HIS B 70 -10.10 16.44 3.91
N PRO B 71 -10.81 17.30 4.65
CA PRO B 71 -11.73 16.81 5.69
C PRO B 71 -12.74 15.78 5.22
N ILE B 72 -13.16 15.84 3.95
CA ILE B 72 -14.21 14.94 3.48
C ILE B 72 -13.77 13.49 3.53
N VAL B 73 -12.47 13.23 3.37
CA VAL B 73 -12.01 11.83 3.44
C VAL B 73 -12.10 11.31 4.86
N ILE B 74 -11.93 12.18 5.86
CA ILE B 74 -12.11 11.77 7.25
C ILE B 74 -13.59 11.56 7.54
N LEU B 75 -14.45 12.44 7.03
CA LEU B 75 -15.89 12.27 7.20
C LEU B 75 -16.35 10.94 6.62
N LEU B 76 -15.92 10.64 5.39
CA LEU B 76 -16.35 9.42 4.72
C LEU B 76 -15.72 8.18 5.35
N ASP B 77 -14.48 8.29 5.84
CA ASP B 77 -13.82 7.14 6.45
C ASP B 77 -14.58 6.66 7.69
N LYS B 78 -14.96 7.59 8.56
CA LYS B 78 -15.70 7.22 9.76
C LYS B 78 -17.11 6.72 9.47
N CYS B 79 -17.58 6.86 8.23
CA CYS B 79 -18.86 6.30 7.82
C CYS B 79 -18.68 5.13 6.85
N GLY B 80 -17.45 4.65 6.69
CA GLY B 80 -17.19 3.46 5.88
C GLY B 80 -17.36 3.65 4.39
N ARG B 81 -16.90 4.79 3.86
CA ARG B 81 -17.05 5.07 2.43
C ARG B 81 -15.72 5.59 1.87
N GLY B 82 -15.80 6.19 0.69
CA GLY B 82 -14.63 6.74 0.02
C GLY B 82 -15.02 7.56 -1.19
N LEU B 83 -14.35 7.34 -2.33
CA LEU B 83 -14.69 8.04 -3.56
C LEU B 83 -14.56 7.14 -4.78
N PRO B 84 -13.39 6.48 -5.04
CA PRO B 84 -13.15 5.71 -6.27
C PRO B 84 -14.37 5.03 -6.91
N GLY B 94 1.53 1.68 11.16
CA GLY B 94 2.69 2.40 11.64
C GLY B 94 3.96 2.11 10.87
N ASN B 95 5.03 1.81 11.60
CA ASN B 95 6.32 1.51 11.00
C ASN B 95 6.90 0.28 11.69
N LYS B 96 7.91 -0.31 11.05
CA LYS B 96 8.55 -1.51 11.59
C LYS B 96 9.71 -1.19 12.51
N TYR B 97 10.34 -0.03 12.35
CA TYR B 97 11.50 0.36 13.15
C TYR B 97 11.14 1.25 14.33
N GLU B 98 9.84 1.47 14.56
CA GLU B 98 9.39 2.33 15.67
C GLU B 98 9.96 1.85 17.01
N GLN B 99 9.86 0.55 17.28
CA GLN B 99 10.35 0.01 18.54
C GLN B 99 11.86 0.20 18.69
N ILE B 100 12.62 0.08 17.60
CA ILE B 100 14.05 0.35 17.65
C ILE B 100 14.28 1.78 18.14
N GLY B 101 13.55 2.73 17.57
CA GLY B 101 13.62 4.10 18.08
C GLY B 101 13.32 4.18 19.57
N THR B 102 12.28 3.47 20.00
CA THR B 102 11.96 3.41 21.43
C THR B 102 13.16 2.96 22.25
N MET B 103 13.82 1.89 21.82
CA MET B 103 14.98 1.38 22.56
C MET B 103 16.14 2.36 22.54
N PHE B 104 16.30 3.09 21.44
CA PHE B 104 17.34 4.12 21.38
C PHE B 104 17.07 5.21 22.41
N TYR B 105 15.83 5.73 22.44
CA TYR B 105 15.50 6.79 23.38
C TYR B 105 15.61 6.31 24.82
N SER B 106 15.10 5.09 25.10
CA SER B 106 15.20 4.54 26.44
C SER B 106 16.65 4.38 26.87
N PHE B 107 17.53 4.01 25.93
CA PHE B 107 18.93 3.77 26.26
C PHE B 107 19.67 5.09 26.47
N ARG B 108 19.73 5.94 25.45
CA ARG B 108 20.55 7.14 25.51
C ARG B 108 20.06 8.13 26.56
N ASN B 109 18.79 8.05 26.96
CA ASN B 109 18.23 8.96 27.95
C ASN B 109 18.00 8.31 29.31
N ASN B 110 18.27 7.01 29.44
CA ASN B 110 18.29 6.31 30.74
C ASN B 110 16.92 6.36 31.42
N VAL B 111 15.88 5.98 30.68
CA VAL B 111 14.53 5.94 31.23
C VAL B 111 13.79 4.79 30.57
N GLU B 112 12.87 4.18 31.32
CA GLU B 112 12.03 3.11 30.78
C GLU B 112 10.88 3.72 30.00
N VAL B 113 10.67 3.23 28.78
CA VAL B 113 9.63 3.71 27.89
C VAL B 113 8.64 2.58 27.66
N GLY B 114 7.37 2.86 27.88
CA GLY B 114 6.32 1.88 27.69
C GLY B 114 5.37 2.28 26.58
N GLU B 115 4.87 1.27 25.86
CA GLU B 115 3.87 1.47 24.82
C GLU B 115 2.50 1.12 25.35
N TYR B 116 1.50 1.91 24.96
CA TYR B 116 0.13 1.71 25.41
C TYR B 116 -0.79 1.76 24.20
N GLY B 117 -1.89 1.02 24.28
CA GLY B 117 -2.85 0.98 23.21
C GLY B 117 -3.57 2.30 22.99
N LEU B 118 -4.69 2.26 22.29
CA LEU B 118 -5.45 3.48 22.03
C LEU B 118 -6.04 4.01 23.33
N LEU B 119 -5.93 5.32 23.53
CA LEU B 119 -6.49 5.96 24.70
C LEU B 119 -7.48 7.03 24.27
N GLN B 120 -8.66 7.01 24.86
CA GLN B 120 -9.69 8.01 24.61
C GLN B 120 -9.68 9.05 25.72
N HIS B 121 -9.93 10.29 25.35
CA HIS B 121 -9.97 11.37 26.33
C HIS B 121 -11.17 11.18 27.25
N SER B 122 -11.01 11.61 28.50
CA SER B 122 -12.04 11.36 29.51
C SER B 122 -13.31 12.14 29.19
N GLY B 123 -13.19 13.45 28.96
CA GLY B 123 -14.34 14.28 28.70
C GLY B 123 -14.91 14.13 27.31
N HIS B 124 -14.07 14.28 26.29
CA HIS B 124 -14.48 14.14 24.90
C HIS B 124 -14.01 12.77 24.40
N LYS B 125 -14.89 11.77 24.55
CA LYS B 125 -14.53 10.40 24.22
C LYS B 125 -14.26 10.21 22.74
N PHE B 126 -14.80 11.08 21.88
CA PHE B 126 -14.59 10.95 20.44
C PHE B 126 -13.22 11.45 19.99
N ILE B 127 -12.39 11.93 20.90
CA ILE B 127 -11.02 12.32 20.60
C ILE B 127 -10.11 11.30 21.25
N ALA B 128 -9.40 10.53 20.43
CA ALA B 128 -8.50 9.50 20.93
C ALA B 128 -7.14 9.64 20.26
N ALA B 129 -6.13 9.04 20.89
CA ALA B 129 -4.78 9.06 20.37
C ALA B 129 -4.05 7.82 20.84
N SER B 130 -3.00 7.45 20.11
CA SER B 130 -2.19 6.30 20.45
C SER B 130 -0.73 6.73 20.35
N PRO B 131 -0.12 7.13 21.47
CA PRO B 131 1.28 7.55 21.45
C PRO B 131 2.20 6.35 21.25
N ASP B 132 3.30 6.61 20.55
CA ASP B 132 4.30 5.55 20.33
C ASP B 132 5.02 5.14 21.61
N GLY B 133 4.83 5.86 22.70
CA GLY B 133 5.47 5.52 23.96
C GLY B 133 5.43 6.65 24.97
N ILE B 134 5.42 6.29 26.26
CA ILE B 134 5.47 7.26 27.35
C ILE B 134 6.54 6.82 28.33
N CYS B 135 7.39 7.75 28.74
CA CYS B 135 8.44 7.44 29.70
C CYS B 135 7.84 7.22 31.09
N SER B 136 8.28 6.16 31.76
CA SER B 136 7.85 5.90 33.12
C SER B 136 8.75 6.66 34.10
N LYS B 137 8.48 6.49 35.40
CA LYS B 137 9.27 7.14 36.44
C LYS B 137 10.61 6.47 36.67
N LYS B 138 10.77 5.21 36.26
CA LYS B 138 11.96 4.44 36.59
C LYS B 138 13.10 4.80 35.66
N ALA B 139 14.23 5.20 36.23
CA ALA B 139 15.45 5.33 35.44
C ALA B 139 16.09 3.95 35.24
N ASN B 140 16.91 3.83 34.20
CA ASN B 140 17.50 2.54 33.88
C ASN B 140 18.60 2.17 34.87
N THR B 141 19.46 3.12 35.22
CA THR B 141 20.56 2.88 36.15
C THR B 141 20.12 3.00 37.61
N GLY B 142 18.84 3.12 37.89
CA GLY B 142 18.36 3.20 39.24
C GLY B 142 17.87 4.59 39.58
N GLY B 143 16.90 4.66 40.49
CA GLY B 143 16.33 5.92 40.90
C GLY B 143 15.18 6.36 40.00
N LEU B 144 14.76 7.60 40.21
CA LEU B 144 13.68 8.19 39.44
C LEU B 144 14.25 8.99 38.27
N SER B 145 13.36 9.35 37.34
CA SER B 145 13.74 10.11 36.15
C SER B 145 12.87 11.35 36.02
N LYS B 146 13.47 12.41 35.48
CA LYS B 146 12.73 13.64 35.23
C LYS B 146 11.82 13.54 34.01
N LEU B 147 12.02 12.54 33.16
CA LEU B 147 11.22 12.36 31.95
C LEU B 147 9.88 11.68 32.20
N VAL B 148 9.47 11.52 33.45
CA VAL B 148 8.23 10.81 33.75
C VAL B 148 7.05 11.52 33.10
N GLY B 149 6.25 10.75 32.36
CA GLY B 149 5.08 11.27 31.68
C GLY B 149 5.33 11.90 30.33
N ARG B 150 6.58 11.99 29.89
CA ARG B 150 6.89 12.59 28.60
C ARG B 150 6.55 11.62 27.47
N LEU B 151 5.69 12.03 26.55
CA LEU B 151 5.32 11.19 25.43
C LEU B 151 6.48 11.07 24.45
N LEU B 152 6.39 10.07 23.59
CA LEU B 152 7.38 9.84 22.53
C LEU B 152 6.65 9.72 21.21
N GLU B 153 7.09 10.49 20.21
CA GLU B 153 6.54 10.36 18.86
C GLU B 153 7.69 10.25 17.87
N ILE B 154 7.78 9.12 17.18
CA ILE B 154 8.93 8.78 16.36
C ILE B 154 8.48 8.64 14.90
N LYS B 155 9.16 9.35 14.01
CA LYS B 155 8.90 9.30 12.58
C LYS B 155 10.16 8.84 11.82
N PHE B 156 9.93 8.16 10.71
CA PHE B 156 10.99 7.64 9.85
C PHE B 156 10.77 8.11 8.42
N PRO B 157 11.08 9.37 8.12
CA PRO B 157 10.98 9.84 6.73
C PRO B 157 12.03 9.17 5.86
N PHE B 158 11.68 8.99 4.59
CA PHE B 158 12.61 8.40 3.63
C PHE B 158 13.19 9.41 2.64
N SER B 159 12.37 10.31 2.10
CA SER B 159 12.87 11.33 1.18
C SER B 159 12.96 12.71 1.83
N ARG B 160 12.13 13.00 2.81
CA ARG B 160 12.13 14.32 3.43
C ARG B 160 13.41 14.55 4.22
N GLU B 161 14.00 15.73 4.05
CA GLU B 161 15.15 16.13 4.85
C GLU B 161 14.67 16.72 6.18
N ILE B 162 15.39 16.37 7.25
CA ILE B 162 15.02 16.82 8.59
C ILE B 162 15.61 18.19 8.84
N ASN B 163 14.76 19.17 9.15
CA ASN B 163 15.19 20.51 9.48
C ASN B 163 15.25 20.67 10.99
N ASN B 164 16.26 21.39 11.48
CA ASN B 164 16.43 21.64 12.90
C ASN B 164 16.25 23.10 13.30
N SER B 165 16.20 24.02 12.34
CA SER B 165 16.00 25.44 12.61
C SER B 165 14.60 25.86 12.18
N GLY B 166 14.30 27.14 12.36
CA GLY B 166 13.00 27.65 11.98
C GLY B 166 11.96 27.44 13.06
N ASP B 167 10.70 27.67 12.68
CA ASP B 167 9.59 27.51 13.60
C ASP B 167 9.51 26.08 14.11
N LEU B 168 9.12 25.94 15.38
CA LEU B 168 8.88 24.60 15.92
C LEU B 168 7.60 24.01 15.35
N ASP B 169 6.58 24.83 15.16
CA ASP B 169 5.30 24.33 14.66
C ASP B 169 5.34 24.01 13.17
N GLY B 170 6.16 24.72 12.41
CA GLY B 170 6.17 24.54 10.96
C GLY B 170 7.40 23.89 10.37
N ASP B 171 8.59 24.31 10.82
CA ASP B 171 9.82 23.95 10.14
C ASP B 171 10.47 22.70 10.74
N ILE B 172 10.74 22.72 12.05
CA ILE B 172 11.34 21.55 12.69
C ILE B 172 10.38 20.38 12.69
N CYS B 173 9.15 20.62 13.15
CA CYS B 173 8.09 19.62 13.17
C CYS B 173 7.03 19.97 12.13
N PRO B 174 6.79 19.13 11.13
CA PRO B 174 5.71 19.40 10.18
C PRO B 174 4.38 19.62 10.91
N HIS B 175 3.58 20.55 10.38
CA HIS B 175 2.42 21.03 11.13
C HIS B 175 1.43 19.92 11.43
N TYR B 176 1.16 19.03 10.46
CA TYR B 176 0.22 17.95 10.72
C TYR B 176 0.72 17.04 11.84
N TYR B 177 2.03 16.77 11.85
CA TYR B 177 2.63 16.04 12.97
C TYR B 177 2.53 16.83 14.26
N PHE B 178 2.67 18.16 14.18
CA PHE B 178 2.57 18.98 15.38
C PHE B 178 1.17 18.90 15.97
N LEU B 179 0.14 18.91 15.12
CA LEU B 179 -1.23 18.76 15.59
C LEU B 179 -1.46 17.36 16.13
N GLN B 180 -0.84 16.35 15.52
CA GLN B 180 -0.93 14.99 16.07
C GLN B 180 -0.37 14.95 17.49
N VAL B 181 0.80 15.55 17.70
CA VAL B 181 1.41 15.56 19.03
C VAL B 181 0.57 16.38 20.00
N GLN B 182 -0.01 17.49 19.53
CA GLN B 182 -0.88 18.29 20.41
C GLN B 182 -2.10 17.49 20.85
N THR B 183 -2.72 16.76 19.93
CA THR B 183 -3.87 15.93 20.29
C THR B 183 -3.46 14.79 21.21
N GLN B 184 -2.28 14.20 20.98
CA GLN B 184 -1.80 13.13 21.85
C GLN B 184 -1.56 13.65 23.27
N LEU B 185 -0.94 14.83 23.40
CA LEU B 185 -0.71 15.42 24.71
C LEU B 185 -2.02 15.82 25.37
N TYR B 186 -3.02 16.24 24.58
CA TYR B 186 -4.30 16.59 25.17
C TYR B 186 -5.02 15.35 25.69
N VAL B 187 -4.99 14.24 24.94
CA VAL B 187 -5.71 13.04 25.35
C VAL B 187 -5.10 12.46 26.63
N THR B 188 -3.79 12.24 26.63
CA THR B 188 -3.14 11.67 27.80
C THR B 188 -2.98 12.66 28.96
N GLU B 189 -3.38 13.92 28.76
CA GLU B 189 -3.33 14.95 29.80
C GLU B 189 -1.91 15.13 30.34
N MET B 190 -0.93 15.04 29.44
CA MET B 190 0.48 15.26 29.78
C MET B 190 0.93 16.60 29.23
N ASP B 191 2.19 16.94 29.49
CA ASP B 191 2.74 18.26 29.18
C ASP B 191 3.78 18.26 28.08
N GLU B 192 4.61 17.22 27.98
CA GLU B 192 5.74 17.22 27.07
C GLU B 192 5.72 15.97 26.19
N CYS B 193 6.25 16.11 24.99
CA CYS B 193 6.44 15.00 24.07
C CYS B 193 7.74 15.22 23.31
N ASP B 194 8.55 14.18 23.21
CA ASP B 194 9.78 14.25 22.44
C ASP B 194 9.49 13.79 21.01
N PHE B 195 9.82 14.66 20.06
CA PHE B 195 9.64 14.37 18.65
C PHE B 195 10.97 13.83 18.13
N LEU B 196 11.03 12.52 17.91
CA LEU B 196 12.21 11.82 17.47
C LEU B 196 12.05 11.49 15.98
N GLN B 197 13.01 11.91 15.17
CA GLN B 197 13.01 11.64 13.74
C GLN B 197 14.27 10.87 13.40
N CYS B 198 14.10 9.70 12.79
CA CYS B 198 15.20 8.77 12.59
C CYS B 198 15.28 8.34 11.13
N LYS B 199 16.50 8.23 10.62
CA LYS B 199 16.78 7.65 9.31
C LYS B 199 17.54 6.35 9.53
N ILE B 200 17.08 5.28 8.90
CA ILE B 200 17.63 3.94 9.10
C ILE B 200 18.00 3.34 7.76
N ASP B 201 19.22 2.81 7.68
CA ASP B 201 19.66 2.01 6.54
C ASP B 201 19.82 0.55 6.97
N GLU B 202 19.56 -0.35 6.04
CA GLU B 202 19.67 -1.79 6.30
C GLU B 202 20.89 -2.33 5.59
N TYR B 203 21.61 -3.23 6.26
CA TYR B 203 22.79 -3.84 5.68
C TYR B 203 22.40 -4.90 4.66
N ASP B 204 23.27 -5.11 3.67
CA ASP B 204 23.02 -6.15 2.68
C ASP B 204 23.14 -7.53 3.32
N SER B 205 24.19 -7.75 4.10
CA SER B 205 24.47 -9.05 4.67
C SER B 205 24.97 -8.89 6.10
N TRP B 206 24.93 -10.00 6.84
CA TRP B 206 25.54 -10.04 8.17
C TRP B 206 27.02 -9.66 8.11
N GLU B 207 27.70 -10.03 7.02
CA GLU B 207 29.09 -9.64 6.84
C GLU B 207 29.27 -8.13 6.88
N ASP B 208 28.45 -7.41 6.11
CA ASP B 208 28.50 -5.96 6.12
C ASP B 208 28.14 -5.40 7.49
N PHE B 209 27.27 -6.10 8.23
CA PHE B 209 26.96 -5.68 9.59
C PHE B 209 28.19 -5.71 10.48
N VAL B 210 28.93 -6.83 10.46
CA VAL B 210 30.12 -6.91 11.29
C VAL B 210 31.23 -6.00 10.76
N LYS B 211 31.23 -5.72 9.45
CA LYS B 211 32.25 -4.84 8.89
C LYS B 211 32.10 -3.42 9.39
N ASP B 212 30.86 -2.93 9.47
CA ASP B 212 30.59 -1.55 9.87
C ASP B 212 30.64 -1.34 11.38
N SER B 213 30.94 -2.39 12.15
CA SER B 213 31.03 -2.25 13.59
C SER B 213 32.12 -1.24 13.96
N ASN B 214 31.79 -0.36 14.90
CA ASN B 214 32.78 0.57 15.40
C ASN B 214 33.82 -0.20 16.20
N PRO B 215 35.11 0.02 15.96
CA PRO B 215 36.12 -0.81 16.64
C PRO B 215 36.16 -0.60 18.14
N ILE B 216 36.11 0.65 18.60
CA ILE B 216 36.23 0.91 20.04
C ILE B 216 34.95 0.51 20.77
N VAL B 217 33.79 0.69 20.13
CA VAL B 217 32.51 0.32 20.71
C VAL B 217 31.79 -0.60 19.75
N PRO B 218 31.53 -1.86 20.11
CA PRO B 218 30.93 -2.79 19.15
C PRO B 218 29.48 -2.47 18.82
N GLY B 219 28.75 -1.81 19.72
CA GLY B 219 27.36 -1.54 19.50
C GLY B 219 27.04 -0.40 18.55
N LEU B 220 28.05 0.33 18.10
CA LEU B 220 27.86 1.45 17.19
C LEU B 220 28.35 1.13 15.79
N SER B 221 27.90 1.94 14.84
CA SER B 221 28.42 1.91 13.48
C SER B 221 29.61 2.86 13.37
N LYS B 222 30.61 2.43 12.60
CA LYS B 222 31.81 3.26 12.45
C LYS B 222 31.61 4.41 11.48
N THR B 223 30.58 4.35 10.62
CA THR B 223 30.35 5.39 9.64
C THR B 223 29.33 6.43 10.09
N THR B 224 28.40 6.07 10.97
CA THR B 224 27.39 6.99 11.46
C THR B 224 27.49 7.26 12.96
N ASN B 225 28.32 6.52 13.69
CA ASN B 225 28.49 6.69 15.14
C ASN B 225 27.18 6.53 15.90
N LEU B 226 26.31 5.64 15.41
CA LEU B 226 25.02 5.39 16.03
C LEU B 226 24.78 3.89 16.09
N GLU B 227 23.84 3.50 16.95
CA GLU B 227 23.61 2.08 17.24
C GLU B 227 23.21 1.31 15.98
N LYS B 228 23.55 0.03 15.97
CA LYS B 228 23.15 -0.91 14.95
C LYS B 228 22.65 -2.18 15.62
N GLY B 229 21.91 -2.98 14.86
CA GLY B 229 21.33 -4.18 15.46
C GLY B 229 20.60 -5.02 14.43
N CYS B 230 19.78 -5.94 14.95
CA CYS B 230 19.07 -6.92 14.15
C CYS B 230 17.57 -6.68 14.21
N LEU B 231 16.86 -7.49 13.43
CA LEU B 231 15.40 -7.44 13.38
C LEU B 231 14.91 -8.72 12.73
N ILE B 232 13.90 -9.32 13.33
CA ILE B 232 13.32 -10.58 12.85
C ILE B 232 12.02 -10.24 12.13
N GLN B 233 11.88 -10.72 10.90
CA GLN B 233 10.71 -10.44 10.08
C GLN B 233 9.79 -11.64 10.10
N LEU B 234 8.52 -11.41 10.41
CA LEU B 234 7.52 -12.47 10.44
C LEU B 234 6.55 -12.21 9.31
N SER B 235 6.41 -13.19 8.44
CA SER B 235 5.61 -13.05 7.23
C SER B 235 4.19 -13.58 7.46
N ASP B 236 3.22 -12.90 6.85
CA ASP B 236 1.83 -13.33 6.98
C ASP B 236 1.64 -14.64 6.22
N LYS B 237 0.65 -15.40 6.63
CA LYS B 237 0.47 -16.66 6.00
C LYS B 237 -0.57 -16.69 4.99
N ASN B 238 -1.76 -16.28 5.40
CA ASN B 238 -2.82 -16.32 4.46
C ASN B 238 -2.08 -15.70 3.35
N LEU B 239 -2.12 -14.40 3.28
CA LEU B 239 -1.48 -13.64 2.27
C LEU B 239 -0.10 -14.07 2.16
N ILE B 240 0.51 -13.67 1.08
CA ILE B 240 1.87 -14.00 0.81
C ILE B 240 1.78 -15.50 0.68
N GLY B 241 2.81 -16.30 0.88
CA GLY B 241 2.68 -17.72 0.64
C GLY B 241 3.15 -17.49 -0.77
N SER B 242 2.26 -17.14 -1.66
CA SER B 242 2.87 -16.86 -2.97
C SER B 242 2.44 -15.59 -3.60
N ASP B 243 2.11 -14.61 -2.81
CA ASP B 243 1.63 -13.34 -3.28
C ASP B 243 2.70 -12.57 -3.91
N ASP B 244 2.30 -11.58 -4.70
CA ASP B 244 3.23 -10.85 -5.51
C ASP B 244 3.43 -9.31 -5.48
N LYS B 245 3.30 -8.61 -4.35
CA LYS B 245 3.41 -7.15 -4.36
C LYS B 245 3.99 -6.62 -3.05
N GLU B 246 3.40 -5.55 -2.53
CA GLU B 246 3.83 -4.93 -1.28
C GLU B 246 2.83 -5.07 -0.15
N LYS B 247 1.70 -5.75 -0.39
CA LYS B 247 0.81 -6.10 0.72
C LYS B 247 1.57 -6.86 1.80
N CYS B 248 2.53 -7.70 1.39
CA CYS B 248 3.31 -8.48 2.34
C CYS B 248 4.10 -7.58 3.28
N LEU B 249 4.67 -6.50 2.75
CA LEU B 249 5.51 -5.62 3.56
C LEU B 249 4.71 -5.00 4.70
N TYR B 250 3.60 -4.33 4.36
CA TYR B 250 2.76 -3.69 5.37
C TYR B 250 2.18 -4.68 6.36
N ASN B 251 1.91 -5.91 5.94
CA ASN B 251 1.23 -6.90 6.76
C ASN B 251 2.18 -7.81 7.51
N SER B 252 3.45 -7.45 7.62
CA SER B 252 4.39 -8.20 8.43
C SER B 252 4.36 -7.68 9.87
N LYS B 253 4.63 -8.59 10.80
CA LYS B 253 4.87 -8.24 12.20
C LYS B 253 6.28 -8.68 12.56
N TYR B 254 6.83 -8.09 13.62
CA TYR B 254 8.26 -8.23 13.89
C TYR B 254 8.52 -8.63 15.34
N ILE B 255 9.58 -9.44 15.51
CA ILE B 255 10.15 -9.75 16.81
C ILE B 255 11.41 -8.93 16.98
N TYR B 256 11.51 -8.23 18.11
CA TYR B 256 12.55 -7.24 18.31
C TYR B 256 13.59 -7.73 19.31
N PRO B 257 14.85 -7.30 19.16
CA PRO B 257 15.91 -7.72 20.09
C PRO B 257 15.60 -7.28 21.51
N PRO B 258 16.24 -7.89 22.52
CA PRO B 258 15.94 -7.53 23.92
C PRO B 258 16.58 -6.21 24.32
N LYS B 259 17.80 -5.95 23.85
CA LYS B 259 18.49 -4.71 24.16
C LYS B 259 19.44 -4.39 23.01
N LEU B 260 19.93 -3.16 22.99
CA LEU B 260 20.90 -2.73 22.00
C LEU B 260 22.31 -3.03 22.48
N HIS B 261 23.30 -2.71 21.63
CA HIS B 261 24.72 -2.92 21.93
C HIS B 261 25.01 -4.39 22.23
N MET B 262 24.32 -5.30 21.54
CA MET B 262 24.60 -6.71 21.67
C MET B 262 25.88 -7.09 20.95
N THR B 263 26.59 -8.06 21.51
CA THR B 263 27.71 -8.66 20.82
C THR B 263 27.21 -9.62 19.73
N ASN B 264 28.08 -9.86 18.75
CA ASN B 264 27.70 -10.69 17.60
C ASN B 264 27.23 -12.07 18.05
N GLU B 265 27.93 -12.68 19.01
CA GLU B 265 27.53 -14.00 19.49
C GLU B 265 26.14 -13.95 20.09
N GLU B 266 25.89 -12.94 20.93
CA GLU B 266 24.58 -12.80 21.57
C GLU B 266 23.50 -12.59 20.52
N ILE B 267 23.85 -11.93 19.42
CA ILE B 267 22.91 -11.73 18.32
C ILE B 267 22.53 -13.07 17.70
N ALA B 268 23.53 -13.84 17.28
CA ALA B 268 23.23 -15.11 16.61
C ALA B 268 22.52 -16.08 17.54
N ALA B 269 22.96 -16.16 18.79
CA ALA B 269 22.31 -17.02 19.77
C ALA B 269 20.86 -16.62 19.98
N TRP B 270 20.58 -15.32 20.02
CA TRP B 270 19.21 -14.87 20.19
C TRP B 270 18.36 -15.20 18.96
N ILE B 271 18.94 -15.09 17.75
CA ILE B 271 18.21 -15.46 16.55
C ILE B 271 17.82 -16.93 16.61
N SER B 272 18.79 -17.80 16.91
CA SER B 272 18.51 -19.23 16.98
C SER B 272 17.47 -19.55 18.04
N SER B 273 17.67 -19.05 19.27
CA SER B 273 16.72 -19.31 20.34
C SER B 273 15.32 -18.83 19.97
N GLU B 274 15.24 -17.69 19.27
CA GLU B 274 13.96 -17.20 18.82
C GLU B 274 13.33 -18.16 17.82
N ILE B 275 14.16 -18.75 16.95
CA ILE B 275 13.66 -19.76 16.03
C ILE B 275 13.10 -20.96 16.80
N ALA B 276 13.87 -21.49 17.75
CA ALA B 276 13.41 -22.67 18.47
C ALA B 276 12.15 -22.38 19.28
N ASN B 277 12.13 -21.24 19.97
CA ASN B 277 10.97 -20.91 20.78
C ASN B 277 9.82 -20.30 19.98
N TYR B 278 10.00 -20.02 18.68
CA TYR B 278 8.87 -19.46 17.94
C TYR B 278 7.73 -20.45 17.79
N HIS B 279 8.02 -21.76 17.92
CA HIS B 279 6.96 -22.76 17.98
C HIS B 279 5.95 -22.43 19.06
N ASN B 280 6.40 -21.74 20.10
CA ASN B 280 5.51 -21.22 21.13
C ASN B 280 5.21 -19.73 20.96
N ASN B 281 5.93 -19.03 20.07
CA ASN B 281 5.57 -17.65 19.83
C ASN B 281 4.19 -17.61 19.19
N ASP B 282 3.34 -16.71 19.66
CA ASP B 282 2.00 -16.63 19.07
C ASP B 282 2.04 -16.10 17.65
N LEU B 283 2.92 -15.16 17.35
CA LEU B 283 2.93 -14.63 15.99
C LEU B 283 3.53 -15.64 15.02
N SER B 284 4.52 -16.42 15.46
CA SER B 284 5.12 -17.43 14.58
C SER B 284 4.16 -18.55 14.28
N GLU B 285 3.19 -18.79 15.16
CA GLU B 285 2.17 -19.79 14.86
C GLU B 285 1.25 -19.29 13.75
N ASN B 286 1.10 -17.97 13.63
CA ASN B 286 0.25 -17.35 12.62
C ASN B 286 1.05 -16.60 11.57
N TYR B 287 2.38 -16.62 11.66
CA TYR B 287 3.29 -15.94 10.75
C TYR B 287 4.51 -16.82 10.57
N MET B 288 5.19 -16.70 9.44
CA MET B 288 6.36 -17.53 9.19
C MET B 288 7.62 -16.69 9.30
N ILE B 289 8.64 -17.26 9.95
CA ILE B 289 9.94 -16.61 10.02
C ILE B 289 10.48 -16.41 8.62
N ASP B 290 10.64 -15.15 8.24
CA ASP B 290 11.09 -14.83 6.88
C ASP B 290 12.59 -14.58 6.85
N ALA B 291 12.98 -13.32 6.87
CA ALA B 291 14.38 -12.92 6.77
C ALA B 291 14.86 -12.34 8.09
N VAL B 292 16.17 -12.13 8.18
CA VAL B 292 16.81 -11.48 9.32
C VAL B 292 17.46 -10.22 8.78
N ILE B 293 16.97 -9.07 9.24
CA ILE B 293 17.43 -7.77 8.73
C ILE B 293 18.44 -7.18 9.70
N TYR B 294 19.44 -6.50 9.15
CA TYR B 294 20.48 -5.86 9.93
C TYR B 294 20.43 -4.36 9.64
N TRP B 295 20.23 -3.57 10.69
CA TRP B 295 19.96 -2.15 10.57
C TRP B 295 20.99 -1.32 11.31
N ARG B 296 21.06 -0.04 10.96
CA ARG B 296 21.87 0.93 11.68
C ARG B 296 21.21 2.30 11.60
N LEU B 297 21.30 3.06 12.69
CA LEU B 297 20.83 4.44 12.69
C LEU B 297 21.84 5.33 11.97
N SER B 298 21.35 6.20 11.09
CA SER B 298 22.22 7.13 10.37
C SER B 298 22.02 8.59 10.77
N GLN B 299 20.84 8.95 11.26
CA GLN B 299 20.56 10.33 11.65
C GLN B 299 19.37 10.32 12.60
N VAL B 300 19.54 10.93 13.76
CA VAL B 300 18.49 10.99 14.79
C VAL B 300 18.42 12.42 15.30
N THR B 301 17.23 13.02 15.21
CA THR B 301 16.97 14.33 15.79
C THR B 301 15.87 14.21 16.82
N CYS B 302 15.93 15.05 17.86
CA CYS B 302 14.94 15.05 18.92
C CYS B 302 14.58 16.49 19.26
N ASN B 303 13.29 16.78 19.38
CA ASN B 303 12.84 18.14 19.66
C ASN B 303 11.66 18.10 20.62
N LEU B 304 11.77 18.84 21.71
CA LEU B 304 10.74 18.86 22.75
C LEU B 304 9.56 19.69 22.29
N ILE B 305 8.35 19.17 22.49
CA ILE B 305 7.11 19.85 22.14
C ILE B 305 6.23 19.89 23.37
N LYS B 306 5.75 21.07 23.72
CA LYS B 306 4.89 21.24 24.88
C LYS B 306 3.46 21.54 24.43
N LEU B 307 2.50 21.16 25.29
CA LEU B 307 1.09 21.27 24.96
C LEU B 307 0.58 22.68 25.22
N ASN B 308 -0.16 23.21 24.26
CA ASN B 308 -0.94 24.44 24.44
C ASN B 308 -2.39 24.01 24.59
N LYS B 309 -2.84 23.87 25.84
CA LYS B 309 -4.16 23.29 26.09
C LYS B 309 -5.28 24.21 25.65
N GLU B 310 -5.16 25.51 25.93
CA GLU B 310 -6.21 26.45 25.55
C GLU B 310 -6.36 26.52 24.03
N ALA B 311 -5.24 26.50 23.31
CA ALA B 311 -5.30 26.56 21.85
C ALA B 311 -6.03 25.36 21.27
N PHE B 312 -5.91 24.19 21.91
CA PHE B 312 -6.63 23.00 21.44
C PHE B 312 -8.10 23.07 21.84
N GLU B 313 -8.38 23.50 23.08
CA GLU B 313 -9.76 23.61 23.53
C GLU B 313 -10.54 24.61 22.68
N GLU B 314 -9.86 25.61 22.14
CA GLU B 314 -10.51 26.52 21.19
C GLU B 314 -10.96 25.77 19.94
N LYS B 315 -10.25 24.71 19.55
CA LYS B 315 -10.57 23.94 18.37
C LYS B 315 -11.47 22.74 18.66
N ILE B 316 -11.69 22.43 19.93
CA ILE B 316 -12.61 21.32 20.28
C ILE B 316 -14.00 21.52 19.70
N PRO B 317 -14.61 22.72 19.73
CA PRO B 317 -15.95 22.87 19.14
C PRO B 317 -16.05 22.42 17.69
N LEU B 318 -15.07 22.77 16.86
CA LEU B 318 -15.08 22.34 15.46
C LEU B 318 -15.07 20.82 15.36
N LEU B 319 -14.22 20.17 16.16
CA LEU B 319 -14.17 18.70 16.17
C LEU B 319 -15.51 18.12 16.60
N GLN B 320 -16.17 18.76 17.57
CA GLN B 320 -17.49 18.31 18.01
C GLN B 320 -18.50 18.38 16.87
N GLN B 321 -18.49 19.48 16.12
CA GLN B 321 -19.40 19.62 14.98
C GLN B 321 -19.11 18.57 13.92
N PHE B 322 -17.83 18.33 13.61
CA PHE B 322 -17.48 17.31 12.64
C PHE B 322 -17.98 15.93 13.07
N TRP B 323 -17.73 15.57 14.34
CA TRP B 323 -18.17 14.27 14.82
C TRP B 323 -19.69 14.17 14.82
N ASP B 324 -20.38 15.28 15.06
CA ASP B 324 -21.84 15.28 14.94
C ASP B 324 -22.28 15.02 13.51
N TYR B 325 -21.52 15.53 12.53
CA TYR B 325 -21.79 15.18 11.13
C TYR B 325 -21.59 13.69 10.89
N VAL B 326 -20.52 13.12 11.45
CA VAL B 326 -20.27 11.69 11.29
C VAL B 326 -21.43 10.88 11.86
N LEU B 327 -21.80 11.17 13.11
CA LEU B 327 -22.94 10.51 13.73
C LEU B 327 -24.20 10.71 12.91
N PHE B 328 -24.35 11.85 12.25
CA PHE B 328 -25.51 12.12 11.42
C PHE B 328 -25.56 11.16 10.23
N TYR B 329 -24.52 11.17 9.39
CA TYR B 329 -24.56 10.35 8.18
C TYR B 329 -24.43 8.86 8.46
N ARG B 330 -23.99 8.48 9.67
CA ARG B 330 -23.94 7.06 10.00
C ARG B 330 -25.33 6.43 10.06
N GLN B 331 -26.35 7.22 10.39
CA GLN B 331 -27.70 6.68 10.54
C GLN B 331 -28.60 6.96 9.34
N HIS B 332 -28.16 7.77 8.39
CA HIS B 332 -28.94 8.08 7.18
C HIS B 332 -28.12 7.63 5.98
N SER B 333 -28.31 6.37 5.58
CA SER B 333 -27.54 5.82 4.47
C SER B 333 -27.91 6.47 3.15
N ASP B 334 -29.18 6.81 2.97
CA ASP B 334 -29.61 7.47 1.73
C ASP B 334 -28.91 8.81 1.55
N LYS B 335 -28.99 9.67 2.57
CA LYS B 335 -28.32 10.97 2.49
C LYS B 335 -26.81 10.82 2.39
N LEU B 336 -26.27 9.72 2.92
CA LEU B 336 -24.84 9.45 2.74
C LEU B 336 -24.52 9.13 1.29
N ASP B 337 -25.40 8.37 0.62
CA ASP B 337 -25.21 8.11 -0.80
C ASP B 337 -25.29 9.39 -1.61
N LYS B 338 -26.33 10.21 -1.37
CA LYS B 338 -26.44 11.46 -2.12
C LYS B 338 -25.29 12.40 -1.80
N LEU B 339 -24.73 12.30 -0.59
CA LEU B 339 -23.52 13.05 -0.28
C LEU B 339 -22.34 12.55 -1.12
N ILE B 340 -22.19 11.23 -1.24
CA ILE B 340 -21.12 10.68 -2.05
C ILE B 340 -21.25 11.15 -3.50
N LYS B 341 -22.49 11.22 -4.00
CA LYS B 341 -22.68 11.76 -5.36
C LYS B 341 -22.33 13.24 -5.42
N PHE B 342 -22.65 14.00 -4.36
CA PHE B 342 -22.32 15.41 -4.37
C PHE B 342 -20.81 15.63 -4.37
N VAL B 343 -20.07 14.80 -3.65
CA VAL B 343 -18.61 14.89 -3.67
C VAL B 343 -18.07 14.35 -4.99
N GLU B 344 -18.83 13.47 -5.64
CA GLU B 344 -18.47 13.04 -7.00
C GLU B 344 -18.56 14.20 -7.98
N LYS B 345 -19.57 15.05 -7.81
CA LYS B 345 -19.74 16.21 -8.68
C LYS B 345 -18.59 17.20 -8.51
N VAL B 346 -18.61 17.96 -7.41
CA VAL B 346 -17.55 18.90 -7.09
C VAL B 346 -16.44 18.17 -6.33
N LYS B 347 -15.19 18.45 -6.70
CA LYS B 347 -14.06 17.66 -6.23
C LYS B 347 -13.93 17.69 -4.71
N GLU B 348 -13.17 16.72 -4.18
CA GLU B 348 -13.07 16.52 -2.74
C GLU B 348 -12.27 17.60 -2.04
N ASP B 349 -11.47 18.39 -2.75
CA ASP B 349 -10.73 19.48 -2.12
C ASP B 349 -11.59 20.71 -1.87
N ASN B 350 -12.79 20.77 -2.44
CA ASN B 350 -13.70 21.91 -2.26
C ASN B 350 -14.49 21.70 -0.97
N SER B 351 -13.83 22.00 0.15
CA SER B 351 -14.45 21.75 1.46
C SER B 351 -15.60 22.72 1.74
N ALA B 352 -15.52 23.95 1.22
CA ALA B 352 -16.53 24.95 1.53
C ALA B 352 -17.91 24.52 1.05
N GLU B 353 -18.02 24.15 -0.23
CA GLU B 353 -19.31 23.75 -0.78
C GLU B 353 -19.76 22.40 -0.21
N ILE B 354 -18.83 21.46 -0.08
CA ILE B 354 -19.19 20.13 0.43
C ILE B 354 -19.80 20.25 1.83
N PHE B 355 -19.17 21.03 2.70
CA PHE B 355 -19.66 21.14 4.07
C PHE B 355 -20.74 22.18 4.24
N SER B 356 -20.95 23.06 3.25
CA SER B 356 -22.19 23.82 3.19
C SER B 356 -23.37 22.89 2.92
N TYR B 357 -23.20 22.00 1.94
CA TYR B 357 -24.19 20.95 1.70
C TYR B 357 -24.42 20.11 2.94
N ILE B 358 -23.32 19.69 3.59
CA ILE B 358 -23.44 18.84 4.77
C ILE B 358 -24.14 19.57 5.91
N ASN B 359 -23.84 20.86 6.08
CA ASN B 359 -24.49 21.60 7.15
C ASN B 359 -25.98 21.82 6.86
N GLU B 360 -26.34 22.00 5.59
CA GLU B 360 -27.75 22.05 5.22
C GLU B 360 -28.43 20.73 5.56
N ASP B 361 -27.83 19.62 5.11
CA ASP B 361 -28.38 18.30 5.39
C ASP B 361 -28.55 18.07 6.89
N PHE B 362 -27.63 18.60 7.69
CA PHE B 362 -27.71 18.46 9.14
C PHE B 362 -28.83 19.33 9.72
N LEU B 363 -28.89 20.59 9.30
CA LEU B 363 -29.90 21.51 9.83
C LEU B 363 -31.32 21.09 9.43
N SER B 364 -31.47 20.35 8.33
CA SER B 364 -32.80 19.93 7.89
C SER B 364 -33.50 19.04 8.91
N LEU B 365 -32.74 18.21 9.64
CA LEU B 365 -33.31 17.29 10.61
C LEU B 365 -33.00 17.66 12.06
N ASN B 366 -32.26 18.75 12.30
CA ASN B 366 -31.99 19.24 13.64
C ASN B 366 -32.28 20.74 13.66
N LYS B 367 -33.54 21.09 13.93
CA LYS B 367 -34.01 22.46 13.83
C LYS B 367 -33.66 23.32 15.03
N ASP B 368 -32.72 22.88 15.88
CA ASP B 368 -32.30 23.68 17.01
C ASP B 368 -30.78 23.76 17.08
N SER B 369 -30.11 23.40 15.99
CA SER B 369 -28.65 23.46 15.90
C SER B 369 -28.25 24.83 15.37
N LYS B 370 -27.41 25.53 16.11
CA LYS B 370 -26.82 26.79 15.68
C LYS B 370 -25.57 26.59 14.83
N TYR B 371 -25.43 25.41 14.23
CA TYR B 371 -24.25 25.09 13.43
C TYR B 371 -24.29 25.80 12.09
N GLU B 372 -23.16 26.42 11.72
CA GLU B 372 -22.95 27.06 10.44
C GLU B 372 -21.96 26.25 9.60
N PRO B 373 -21.94 26.44 8.30
CA PRO B 373 -21.05 25.64 7.44
C PRO B 373 -19.58 25.83 7.80
N LEU B 374 -18.84 24.73 7.78
CA LEU B 374 -17.42 24.72 8.07
C LEU B 374 -16.59 24.99 6.81
N TYR B 375 -15.34 25.40 7.03
CA TYR B 375 -14.35 25.58 5.96
C TYR B 375 -14.83 26.57 4.91
N GLN B 376 -15.52 27.64 5.33
CA GLN B 376 -15.98 28.64 4.39
C GLN B 376 -14.86 29.50 3.85
N GLU B 377 -13.75 29.62 4.58
CA GLU B 377 -12.56 30.33 4.13
C GLU B 377 -11.35 29.44 4.34
N GLU B 378 -10.40 29.52 3.41
CA GLU B 378 -9.17 28.74 3.55
C GLU B 378 -8.47 29.10 4.85
N THR B 379 -7.99 28.08 5.55
CA THR B 379 -7.15 28.34 6.71
C THR B 379 -5.82 28.91 6.26
N GLU B 380 -5.11 29.53 7.20
CA GLU B 380 -3.81 30.11 6.87
C GLU B 380 -2.86 29.03 6.39
N TRP B 381 -2.96 27.83 6.97
CA TRP B 381 -2.13 26.72 6.53
C TRP B 381 -2.53 26.24 5.15
N ARG B 382 -3.84 26.24 4.86
CA ARG B 382 -4.29 25.88 3.51
C ARG B 382 -3.75 26.87 2.47
N LYS B 383 -3.81 28.16 2.78
CA LYS B 383 -3.25 29.17 1.87
C LYS B 383 -1.75 28.97 1.69
N LYS B 384 -1.03 28.70 2.79
CA LYS B 384 0.40 28.47 2.67
C LYS B 384 0.70 27.26 1.79
N TYR B 385 -0.03 26.16 2.00
CA TYR B 385 0.19 24.95 1.21
C TYR B 385 -0.09 25.19 -0.27
N ASN B 386 -1.17 25.90 -0.58
CA ASN B 386 -1.49 26.20 -1.97
C ASN B 386 -0.45 27.13 -2.59
N GLN B 387 0.06 28.08 -1.79
CA GLN B 387 1.15 28.94 -2.26
C GLN B 387 2.39 28.12 -2.57
N ILE B 388 2.69 27.11 -1.74
CA ILE B 388 3.85 26.26 -1.98
C ILE B 388 3.65 25.39 -3.22
N LYS B 389 2.40 25.14 -3.56
CA LYS B 389 2.14 24.39 -4.74
C LYS B 389 2.63 25.10 -5.96
N ALA B 390 2.32 26.38 -6.13
CA ALA B 390 2.77 27.09 -7.32
C ALA B 390 4.28 26.97 -7.40
N LYS B 391 4.72 26.59 -8.58
CA LYS B 391 6.11 26.34 -8.88
C LYS B 391 6.46 24.94 -8.39
#